data_5JON
#
_entry.id   5JON
#
_cell.length_a   61.517
_cell.length_b   42.010
_cell.length_c   198.376
_cell.angle_alpha   90.00
_cell.angle_beta   90.85
_cell.angle_gamma   90.00
#
_symmetry.space_group_name_H-M   'P 1 21 1'
#
loop_
_entity.id
_entity.type
_entity.pdbx_description
1 polymer 'Maltose-binding periplasmic protein,Potassium/sodium hyperpolarization-activated cyclic nucleotide-gated channel 2'
2 branched alpha-D-glucopyranose-(1-4)-alpha-D-glucopyranose
3 non-polymer 'NITRATE ION'
4 water water
#
_entity_poly.entity_id   1
_entity_poly.type   'polypeptide(L)'
_entity_poly.pdbx_seq_one_letter_code
;GKIEEGKLVIWINGDKGYNGLAEVGKKFEKDTGIKVTVEHPDKLEEKFPQVAATGDGPDIIFWAHDRFGGYAQSGLLAEI
TPDKAFQDKLYPFTWDAVRYNGKLIAYPIAVEALSLIYNKDLLPNPPKTWEEIPALDKELKAKGKSALMFNLQEPYFTWP
LIAADGGYAFKYENGKYDIKDVGVDNAGAKAGLTFLVDLIKNKHMNADTDYSIAEAAFNKGETAMTINGPWAWSNIDTSK
VNYGVTVLPTFKGQPSKPFVGVLSAGINAASPNKELAKEFLENYLLTDEGLEAVNKDKPLGAVALKSYEEELAKDPRIAA
TMENAQKGEIMPNIPQMSAFWYAVRTAVINAASGRQTVDEALKDAQTNAAELNGPLREEIVNFNCRKLVASMPLFANADP
NFVTAMLTKLKFEVFQPGDYIIREGTIGKKMYFIQHGVVSVLTKGNKEMKLSDGSYFGEICLLTRGRRTASVRADTYCRL
YSLSVDNFNEVLEEYPMMRRAFETVAIDRLDRIGKKN
;
_entity_poly.pdbx_strand_id   A,B
#
# COMPACT_ATOMS: atom_id res chain seq x y z
N ILE A 3 -4.25 -7.32 6.28
CA ILE A 3 -3.48 -8.38 5.57
C ILE A 3 -4.29 -8.89 4.38
N GLU A 4 -3.61 -9.16 3.28
CA GLU A 4 -4.17 -9.97 2.20
C GLU A 4 -3.13 -10.93 1.65
N GLU A 5 -3.60 -12.09 1.22
CA GLU A 5 -2.74 -13.13 0.66
C GLU A 5 -2.10 -12.59 -0.62
N GLY A 6 -0.79 -12.84 -0.79
CA GLY A 6 -0.03 -12.35 -1.95
C GLY A 6 0.70 -11.03 -1.79
N LYS A 7 0.60 -10.38 -0.62
CA LYS A 7 1.38 -9.18 -0.30
C LYS A 7 1.97 -9.31 1.12
N LEU A 8 2.96 -8.46 1.44
CA LEU A 8 3.49 -8.40 2.82
C LEU A 8 3.33 -7.00 3.40
N VAL A 9 2.77 -6.93 4.60
CA VAL A 9 2.75 -5.72 5.41
C VAL A 9 3.69 -6.01 6.58
N ILE A 10 4.64 -5.10 6.80
CA ILE A 10 5.61 -5.15 7.85
C ILE A 10 5.40 -3.94 8.77
N TRP A 11 5.35 -4.17 10.10
CA TRP A 11 5.38 -3.07 11.08
C TRP A 11 6.75 -2.98 11.79
N ILE A 12 7.26 -1.76 11.88
CA ILE A 12 8.50 -1.48 12.58
C ILE A 12 8.37 -0.09 13.21
N ASN A 13 9.08 0.12 14.30
CA ASN A 13 8.97 1.35 15.06
C ASN A 13 9.55 2.56 14.30
N GLY A 14 8.95 3.72 14.54
CA GLY A 14 9.31 4.96 13.85
C GLY A 14 10.70 5.52 14.10
N ASP A 15 11.40 5.02 15.12
CA ASP A 15 12.80 5.37 15.35
C ASP A 15 13.78 4.49 14.57
N LYS A 16 13.29 3.45 13.88
CA LYS A 16 14.15 2.51 13.13
C LYS A 16 14.24 2.85 11.63
N GLY A 17 15.10 2.14 10.90
CA GLY A 17 15.35 2.42 9.47
C GLY A 17 14.30 1.85 8.53
N TYR A 18 13.09 2.38 8.62
CA TYR A 18 11.96 1.83 7.88
C TYR A 18 12.06 2.10 6.35
N ASN A 19 12.73 3.20 5.96
CA ASN A 19 12.94 3.52 4.55
C ASN A 19 13.94 2.54 3.94
N GLY A 20 14.99 2.21 4.70
CA GLY A 20 15.91 1.15 4.31
C GLY A 20 15.27 -0.22 4.18
N LEU A 21 14.40 -0.56 5.13
CA LEU A 21 13.64 -1.82 5.08
C LEU A 21 12.74 -1.85 3.84
N ALA A 22 12.13 -0.71 3.51
CA ALA A 22 11.34 -0.58 2.27
C ALA A 22 12.15 -0.80 1.00
N GLU A 23 13.44 -0.43 1.01
CA GLU A 23 14.32 -0.77 -0.11
C GLU A 23 14.51 -2.27 -0.28
N VAL A 24 14.66 -2.97 0.84
CA VAL A 24 14.79 -4.43 0.82
C VAL A 24 13.51 -5.00 0.22
N GLY A 25 12.38 -4.46 0.66
CA GLY A 25 11.08 -4.78 0.13
C GLY A 25 10.92 -4.51 -1.37
N LYS A 26 11.52 -3.43 -1.87
CA LYS A 26 11.47 -3.13 -3.32
C LYS A 26 12.29 -4.15 -4.14
N LYS A 27 13.40 -4.62 -3.56
CA LYS A 27 14.17 -5.74 -4.15
C LYS A 27 13.36 -7.04 -4.16
N PHE A 28 12.72 -7.35 -3.03
CA PHE A 28 11.83 -8.51 -2.93
C PHE A 28 10.71 -8.51 -3.97
N GLU A 29 10.04 -7.35 -4.12
CA GLU A 29 8.95 -7.20 -5.10
C GLU A 29 9.45 -7.40 -6.53
N LYS A 30 10.61 -6.82 -6.83
CA LYS A 30 11.24 -6.96 -8.13
C LYS A 30 11.47 -8.42 -8.51
N ASP A 31 11.87 -9.26 -7.55
CA ASP A 31 12.17 -10.69 -7.81
C ASP A 31 10.95 -11.64 -7.80
N THR A 32 9.96 -11.35 -6.96
CA THR A 32 8.81 -12.23 -6.76
C THR A 32 7.49 -11.65 -7.22
N GLY A 33 7.44 -10.36 -7.57
CA GLY A 33 6.18 -9.66 -7.78
C GLY A 33 5.35 -9.38 -6.52
N ILE A 34 5.84 -9.76 -5.35
CA ILE A 34 5.09 -9.57 -4.09
C ILE A 34 5.42 -8.17 -3.55
N LYS A 35 4.40 -7.32 -3.51
CA LYS A 35 4.51 -5.96 -2.97
C LYS A 35 4.81 -6.04 -1.47
N VAL A 36 5.75 -5.21 -1.01
CA VAL A 36 6.05 -5.09 0.42
C VAL A 36 5.77 -3.63 0.87
N THR A 37 4.87 -3.49 1.85
CA THR A 37 4.55 -2.21 2.47
C THR A 37 5.08 -2.24 3.90
N VAL A 38 5.89 -1.25 4.23
CA VAL A 38 6.40 -1.04 5.57
C VAL A 38 5.64 0.12 6.20
N GLU A 39 5.18 -0.09 7.43
CA GLU A 39 4.42 0.92 8.19
C GLU A 39 5.06 1.06 9.56
N HIS A 40 4.89 2.23 10.17
CA HIS A 40 5.43 2.52 11.49
C HIS A 40 4.39 3.20 12.36
N PRO A 41 3.29 2.47 12.69
CA PRO A 41 2.23 3.10 13.45
C PRO A 41 2.67 3.34 14.90
N ASP A 42 2.11 4.38 15.51
CA ASP A 42 2.43 4.75 16.87
C ASP A 42 1.86 3.69 17.80
N LYS A 43 2.54 3.45 18.91
CA LYS A 43 2.13 2.43 19.90
C LYS A 43 1.92 1.06 19.23
N LEU A 44 2.81 0.75 18.30
CA LEU A 44 2.75 -0.47 17.51
C LEU A 44 2.74 -1.73 18.40
N GLU A 45 3.58 -1.68 19.43
CA GLU A 45 3.75 -2.80 20.35
C GLU A 45 2.47 -3.13 21.13
N GLU A 46 1.65 -2.10 21.37
CA GLU A 46 0.32 -2.26 21.99
C GLU A 46 -0.77 -2.58 20.98
N LYS A 47 -0.68 -1.99 19.79
CA LYS A 47 -1.64 -2.22 18.71
C LYS A 47 -1.64 -3.67 18.21
N PHE A 48 -0.45 -4.21 17.99
CA PHE A 48 -0.33 -5.54 17.42
C PHE A 48 -1.23 -6.59 18.10
N PRO A 49 -1.17 -6.74 19.44
CA PRO A 49 -2.00 -7.77 20.04
C PRO A 49 -3.50 -7.48 20.01
N GLN A 50 -3.89 -6.21 19.94
CA GLN A 50 -5.30 -5.84 19.75
C GLN A 50 -5.80 -6.28 18.37
N VAL A 51 -5.02 -5.97 17.34
CA VAL A 51 -5.47 -6.16 15.95
C VAL A 51 -5.17 -7.50 15.30
N ALA A 52 -4.14 -8.22 15.77
CA ALA A 52 -3.62 -9.41 15.06
C ALA A 52 -4.70 -10.51 14.80
N ALA A 53 -5.44 -10.90 15.83
CA ALA A 53 -6.55 -11.88 15.68
C ALA A 53 -7.65 -11.44 14.71
N THR A 54 -7.98 -10.15 14.70
CA THR A 54 -9.22 -9.67 14.06
C THR A 54 -9.10 -9.31 12.56
N GLY A 55 -8.36 -10.12 11.79
CA GLY A 55 -8.18 -9.87 10.35
C GLY A 55 -7.22 -8.74 9.96
N ASP A 56 -6.90 -7.88 10.93
CA ASP A 56 -5.98 -6.77 10.75
C ASP A 56 -4.59 -7.25 11.21
N GLY A 57 -3.65 -6.31 11.27
CA GLY A 57 -2.31 -6.59 11.75
C GLY A 57 -1.37 -6.79 10.58
N PRO A 58 -0.05 -6.67 10.83
CA PRO A 58 0.91 -6.89 9.77
C PRO A 58 1.20 -8.37 9.60
N ASP A 59 1.81 -8.74 8.47
CA ASP A 59 2.36 -10.10 8.31
C ASP A 59 3.57 -10.29 9.22
N ILE A 60 4.42 -9.26 9.31
CA ILE A 60 5.67 -9.27 10.07
C ILE A 60 5.69 -8.08 11.02
N ILE A 61 5.99 -8.35 12.29
CA ILE A 61 6.12 -7.32 13.34
C ILE A 61 7.58 -7.27 13.84
N PHE A 62 8.17 -6.08 13.83
CA PHE A 62 9.50 -5.86 14.41
C PHE A 62 9.39 -5.17 15.76
N TRP A 63 10.00 -5.74 16.77
CA TRP A 63 10.16 -5.08 18.06
C TRP A 63 11.29 -5.75 18.80
N ALA A 64 11.76 -5.13 19.89
CA ALA A 64 12.65 -5.83 20.80
C ALA A 64 11.96 -7.08 21.36
N HIS A 65 12.77 -8.10 21.62
CA HIS A 65 12.29 -9.43 21.98
C HIS A 65 11.44 -9.51 23.27
N ASP A 66 11.60 -8.52 24.16
CA ASP A 66 10.87 -8.55 25.43
C ASP A 66 9.35 -8.68 25.29
N ARG A 67 8.74 -8.11 24.26
CA ARG A 67 7.26 -8.24 24.11
C ARG A 67 6.74 -9.54 23.45
N PHE A 68 7.64 -10.37 22.93
CA PHE A 68 7.26 -11.51 22.12
C PHE A 68 6.79 -12.71 22.93
N GLY A 69 7.27 -12.85 24.18
CA GLY A 69 6.72 -13.90 25.05
C GLY A 69 5.23 -13.71 25.27
N GLY A 70 4.85 -12.47 25.59
CA GLY A 70 3.43 -12.07 25.63
C GLY A 70 2.62 -12.37 24.38
N TYR A 71 3.16 -12.01 23.22
CA TYR A 71 2.49 -12.30 21.93
C TYR A 71 2.38 -13.80 21.72
N ALA A 72 3.46 -14.52 22.04
CA ALA A 72 3.49 -15.97 21.97
C ALA A 72 2.44 -16.63 22.87
N GLN A 73 2.34 -16.16 24.13
CA GLN A 73 1.33 -16.61 25.09
C GLN A 73 -0.08 -16.44 24.57
N SER A 74 -0.34 -15.28 23.98
CA SER A 74 -1.60 -14.98 23.33
C SER A 74 -1.89 -15.74 22.01
N GLY A 75 -0.95 -16.53 21.52
CA GLY A 75 -1.16 -17.30 20.29
C GLY A 75 -0.99 -16.48 19.02
N LEU A 76 -0.33 -15.33 19.11
CA LEU A 76 -0.21 -14.37 17.98
C LEU A 76 1.00 -14.52 17.10
N LEU A 77 1.90 -15.46 17.43
CA LEU A 77 3.10 -15.69 16.65
C LEU A 77 3.25 -17.12 16.14
N ALA A 78 3.65 -17.23 14.87
CA ALA A 78 3.95 -18.51 14.27
C ALA A 78 5.34 -18.90 14.69
N GLU A 79 5.51 -20.18 15.03
CA GLU A 79 6.84 -20.72 15.22
C GLU A 79 7.57 -20.62 13.90
N ILE A 80 8.83 -20.21 13.96
CA ILE A 80 9.66 -20.14 12.78
C ILE A 80 10.49 -21.42 12.72
N THR A 81 10.83 -21.82 11.51
CA THR A 81 11.51 -23.09 11.25
C THR A 81 12.74 -22.88 10.36
N PRO A 82 13.73 -22.08 10.83
CA PRO A 82 14.99 -22.02 10.09
C PRO A 82 15.77 -23.32 10.29
N ASP A 83 16.34 -23.88 9.23
CA ASP A 83 17.20 -25.06 9.38
C ASP A 83 18.53 -24.72 10.09
N LYS A 84 19.28 -25.76 10.45
CA LYS A 84 20.56 -25.63 11.15
C LYS A 84 21.56 -24.70 10.48
N ALA A 85 21.63 -24.77 9.16
CA ALA A 85 22.56 -23.94 8.40
C ALA A 85 22.20 -22.47 8.59
N PHE A 86 20.91 -22.16 8.55
CA PHE A 86 20.49 -20.78 8.78
C PHE A 86 20.77 -20.40 10.22
N GLN A 87 20.44 -21.27 11.16
CA GLN A 87 20.70 -20.97 12.58
C GLN A 87 22.15 -20.61 12.92
N ASP A 88 23.08 -21.31 12.25
CA ASP A 88 24.52 -21.11 12.42
C ASP A 88 25.00 -19.74 11.94
N LYS A 89 24.17 -19.07 11.13
CA LYS A 89 24.45 -17.72 10.65
C LYS A 89 24.33 -16.61 11.71
N LEU A 90 23.54 -16.84 12.75
CA LEU A 90 23.30 -15.84 13.79
C LEU A 90 23.88 -16.28 15.13
N TYR A 91 24.24 -15.33 16.00
CA TYR A 91 24.83 -15.66 17.30
C TYR A 91 23.88 -16.44 18.19
N PRO A 92 24.39 -17.51 18.87
CA PRO A 92 23.49 -18.31 19.71
C PRO A 92 22.68 -17.52 20.77
N PHE A 93 23.25 -16.46 21.34
CA PHE A 93 22.51 -15.68 22.36
C PHE A 93 21.30 -14.93 21.79
N THR A 94 21.33 -14.59 20.49
CA THR A 94 20.22 -13.89 19.86
C THR A 94 19.01 -14.85 19.66
N TRP A 95 19.30 -16.08 19.26
CA TRP A 95 18.30 -17.15 19.16
C TRP A 95 17.67 -17.48 20.53
N ASP A 96 18.52 -17.52 21.56
CA ASP A 96 18.03 -17.68 22.97
C ASP A 96 17.00 -16.61 23.34
N ALA A 97 17.26 -15.35 22.97
CA ALA A 97 16.36 -14.26 23.30
C ALA A 97 14.96 -14.36 22.67
N VAL A 98 14.82 -15.16 21.60
CA VAL A 98 13.53 -15.33 20.94
C VAL A 98 12.94 -16.75 21.09
N ARG A 99 13.23 -17.41 22.22
CA ARG A 99 12.67 -18.72 22.52
C ARG A 99 11.48 -18.60 23.49
N TYR A 100 10.41 -19.35 23.21
CA TYR A 100 9.26 -19.43 24.12
C TYR A 100 8.76 -20.88 24.12
N ASN A 101 8.77 -21.49 25.31
CA ASN A 101 8.53 -22.94 25.49
C ASN A 101 9.48 -23.78 24.65
N GLY A 102 10.73 -23.36 24.59
CA GLY A 102 11.72 -23.97 23.69
C GLY A 102 11.59 -23.75 22.19
N LYS A 103 10.51 -23.09 21.73
CA LYS A 103 10.26 -22.85 20.30
C LYS A 103 10.80 -21.49 19.90
N LEU A 104 11.30 -21.40 18.68
CA LEU A 104 11.76 -20.12 18.13
C LEU A 104 10.51 -19.39 17.61
N ILE A 105 10.31 -18.16 18.10
CA ILE A 105 9.10 -17.38 17.80
C ILE A 105 9.37 -16.07 17.06
N ALA A 106 10.62 -15.87 16.61
CA ALA A 106 11.01 -14.72 15.85
C ALA A 106 12.46 -14.87 15.39
N TYR A 107 12.77 -14.13 14.33
CA TYR A 107 14.13 -14.01 13.80
C TYR A 107 14.81 -12.85 14.51
N PRO A 108 15.96 -13.12 15.17
CA PRO A 108 16.74 -12.01 15.69
C PRO A 108 17.38 -11.18 14.57
N ILE A 109 17.38 -9.86 14.76
CA ILE A 109 17.98 -8.94 13.79
C ILE A 109 19.21 -8.23 14.36
N ALA A 110 19.03 -7.55 15.49
CA ALA A 110 20.11 -6.73 16.03
C ALA A 110 20.03 -6.63 17.54
N VAL A 111 21.17 -6.30 18.13
CA VAL A 111 21.31 -6.17 19.55
C VAL A 111 21.47 -4.70 19.89
N GLU A 112 20.61 -4.25 20.81
CA GLU A 112 20.50 -2.84 21.17
C GLU A 112 20.87 -2.61 22.63
N ALA A 113 21.72 -1.63 22.87
CA ALA A 113 21.85 -1.06 24.21
C ALA A 113 22.06 0.44 24.12
N LEU A 114 21.70 1.11 25.20
CA LEU A 114 21.81 2.53 25.34
C LEU A 114 23.27 2.84 25.74
N SER A 115 23.75 3.95 25.20
CA SER A 115 25.02 4.55 25.59
C SER A 115 24.87 6.02 25.95
N LEU A 116 25.95 6.57 26.53
CA LEU A 116 26.11 8.00 26.70
C LEU A 116 26.62 8.56 25.38
N ILE A 117 25.88 9.52 24.86
CA ILE A 117 26.28 10.30 23.71
C ILE A 117 26.63 11.71 24.19
N TYR A 118 27.83 12.19 23.86
CA TYR A 118 28.30 13.50 24.35
C TYR A 118 28.85 14.40 23.22
N ASN A 119 28.63 15.70 23.36
CA ASN A 119 29.10 16.72 22.42
C ASN A 119 30.54 17.05 22.78
N LYS A 120 31.48 16.71 21.89
CA LYS A 120 32.92 16.87 22.19
C LYS A 120 33.39 18.34 22.21
N ASP A 121 32.69 19.21 21.50
CA ASP A 121 32.98 20.64 21.51
C ASP A 121 32.54 21.29 22.83
N LEU A 122 31.37 20.89 23.34
CA LEU A 122 30.87 21.40 24.62
C LEU A 122 31.53 20.76 25.85
N LEU A 123 31.96 19.52 25.71
CA LEU A 123 32.37 18.68 26.83
C LEU A 123 33.42 17.65 26.39
N PRO A 124 34.68 18.12 26.15
CA PRO A 124 35.72 17.19 25.65
C PRO A 124 36.01 16.00 26.56
N ASN A 125 35.86 16.16 27.88
CA ASN A 125 35.98 15.06 28.84
C ASN A 125 34.64 14.76 29.54
N PRO A 126 33.86 13.80 29.03
CA PRO A 126 32.55 13.55 29.65
C PRO A 126 32.70 12.95 31.06
N PRO A 127 31.78 13.29 31.98
CA PRO A 127 31.90 12.80 33.35
C PRO A 127 31.68 11.30 33.44
N LYS A 128 32.38 10.67 34.39
CA LYS A 128 32.32 9.23 34.60
C LYS A 128 31.19 8.85 35.56
N THR A 129 30.63 9.81 36.30
CA THR A 129 29.65 9.50 37.35
C THR A 129 28.39 10.33 37.17
N TRP A 130 27.23 9.77 37.52
CA TRP A 130 25.97 10.54 37.61
C TRP A 130 26.05 11.70 38.61
N GLU A 131 26.75 11.47 39.72
CA GLU A 131 26.84 12.43 40.85
C GLU A 131 27.46 13.80 40.50
N GLU A 132 28.34 13.84 39.51
CA GLU A 132 28.94 15.10 39.10
C GLU A 132 28.09 15.84 38.02
N ILE A 133 26.89 15.35 37.68
CA ILE A 133 26.07 16.02 36.66
C ILE A 133 25.45 17.35 37.14
N PRO A 134 24.94 17.43 38.40
CA PRO A 134 24.44 18.72 38.90
C PRO A 134 25.45 19.87 38.87
N ALA A 135 26.70 19.60 39.26
CA ALA A 135 27.78 20.61 39.22
C ALA A 135 28.06 21.04 37.79
N LEU A 136 28.10 20.06 36.88
CA LEU A 136 28.34 20.29 35.47
C LEU A 136 27.21 21.10 34.81
N ASP A 137 25.96 20.78 35.15
CA ASP A 137 24.82 21.54 34.66
C ASP A 137 24.84 23.02 35.09
N LYS A 138 25.17 23.27 36.36
CA LYS A 138 25.30 24.66 36.86
C LYS A 138 26.37 25.42 36.06
N GLU A 139 27.50 24.77 35.78
CA GLU A 139 28.56 25.32 34.96
C GLU A 139 28.06 25.62 33.53
N LEU A 140 27.29 24.68 32.95
CA LEU A 140 26.77 24.87 31.60
C LEU A 140 25.60 25.85 31.50
N LYS A 141 24.74 25.88 32.53
CA LYS A 141 23.64 26.84 32.62
C LYS A 141 24.11 28.31 32.53
N ALA A 142 25.31 28.61 33.03
CA ALA A 142 25.88 29.96 32.95
C ALA A 142 26.27 30.38 31.53
N LYS A 143 26.51 29.40 30.64
CA LYS A 143 26.77 29.63 29.21
C LYS A 143 25.54 29.38 28.31
N GLY A 144 24.36 29.24 28.91
CA GLY A 144 23.12 29.01 28.15
C GLY A 144 22.91 27.59 27.63
N LYS A 145 23.50 26.62 28.32
CA LYS A 145 23.40 25.21 27.93
C LYS A 145 22.92 24.38 29.12
N SER A 146 22.72 23.09 28.87
CA SER A 146 22.44 22.14 29.94
C SER A 146 23.38 20.94 29.79
N ALA A 147 23.57 20.21 30.89
CA ALA A 147 24.48 19.05 30.88
C ALA A 147 23.87 17.84 30.15
N LEU A 148 22.63 17.50 30.48
CA LEU A 148 22.06 16.22 30.04
C LEU A 148 20.56 16.34 29.80
N MET A 149 20.12 15.82 28.66
CA MET A 149 18.69 15.67 28.39
C MET A 149 18.47 14.33 27.71
N PHE A 150 17.47 13.59 28.20
CA PHE A 150 17.04 12.33 27.63
C PHE A 150 15.57 12.03 27.91
N ASN A 151 15.02 11.06 27.18
CA ASN A 151 13.58 10.74 27.23
C ASN A 151 13.18 10.28 28.62
N LEU A 152 12.41 11.10 29.33
CA LEU A 152 11.87 10.71 30.65
C LEU A 152 10.45 10.11 30.59
N GLN A 153 9.87 9.99 29.40
CA GLN A 153 8.51 9.40 29.28
C GLN A 153 8.56 7.88 29.14
N GLU A 154 9.69 7.35 28.68
CA GLU A 154 9.82 5.91 28.47
C GLU A 154 10.80 5.38 29.50
N PRO A 155 10.34 4.44 30.35
CA PRO A 155 11.20 3.93 31.42
C PRO A 155 12.46 3.18 30.97
N TYR A 156 12.49 2.73 29.71
CA TYR A 156 13.68 2.15 29.08
C TYR A 156 14.93 3.02 29.28
N PHE A 157 14.77 4.34 29.24
CA PHE A 157 15.89 5.28 29.32
C PHE A 157 16.37 5.57 30.76
N THR A 158 15.44 5.46 31.71
CA THR A 158 15.74 5.69 33.11
CA THR A 158 15.71 5.70 33.13
C THR A 158 16.14 4.40 33.84
N TRP A 159 15.79 3.26 33.26
CA TRP A 159 16.11 1.94 33.88
C TRP A 159 17.59 1.68 34.22
N PRO A 160 18.52 2.11 33.35
CA PRO A 160 19.94 1.85 33.67
C PRO A 160 20.36 2.49 34.98
N LEU A 161 19.85 3.68 35.26
CA LEU A 161 20.07 4.34 36.54
C LEU A 161 19.38 3.62 37.71
N ILE A 162 18.12 3.22 37.52
CA ILE A 162 17.35 2.48 38.52
C ILE A 162 18.03 1.17 38.90
N ALA A 163 18.56 0.48 37.90
CA ALA A 163 19.17 -0.82 38.10
C ALA A 163 20.57 -0.74 38.68
N ALA A 164 21.26 0.41 38.53
CA ALA A 164 22.68 0.54 38.84
C ALA A 164 23.05 0.07 40.26
N ASP A 165 22.34 0.55 41.27
CA ASP A 165 22.63 0.23 42.68
C ASP A 165 21.84 -1.01 43.19
N GLY A 166 21.11 -1.70 42.32
CA GLY A 166 20.47 -3.01 42.69
C GLY A 166 19.04 -3.23 42.24
N GLY A 167 18.40 -2.24 41.61
CA GLY A 167 17.10 -2.45 41.00
C GLY A 167 17.15 -3.57 39.99
N TYR A 168 16.07 -4.37 39.92
CA TYR A 168 15.92 -5.46 38.94
C TYR A 168 14.43 -5.69 38.64
N ALA A 169 14.13 -6.30 37.49
CA ALA A 169 12.75 -6.60 37.10
C ALA A 169 12.23 -7.86 37.79
N PHE A 170 12.69 -9.02 37.32
CA PHE A 170 12.32 -10.32 37.89
C PHE A 170 13.61 -11.09 38.19
N LYS A 171 13.73 -11.62 39.40
CA LYS A 171 14.94 -12.33 39.84
C LYS A 171 15.18 -13.58 38.98
N TYR A 172 16.38 -13.69 38.42
CA TYR A 172 16.80 -14.85 37.65
C TYR A 172 17.59 -15.78 38.58
N GLU A 173 17.15 -17.04 38.66
CA GLU A 173 17.79 -18.04 39.51
C GLU A 173 17.56 -19.41 38.89
N ASN A 174 18.62 -20.24 38.85
CA ASN A 174 18.53 -21.59 38.27
C ASN A 174 17.87 -21.60 36.88
N GLY A 175 18.33 -20.71 36.02
CA GLY A 175 17.84 -20.63 34.66
C GLY A 175 16.42 -20.11 34.43
N LYS A 176 15.74 -19.60 35.46
CA LYS A 176 14.36 -19.12 35.29
C LYS A 176 13.95 -17.95 36.21
N TYR A 177 12.96 -17.19 35.72
CA TYR A 177 12.49 -15.98 36.38
C TYR A 177 11.39 -16.30 37.38
N ASP A 178 11.62 -15.88 38.63
CA ASP A 178 10.60 -15.89 39.67
C ASP A 178 9.75 -14.62 39.52
N ILE A 179 8.53 -14.80 38.99
CA ILE A 179 7.57 -13.70 38.80
C ILE A 179 7.00 -13.06 40.09
N LYS A 180 7.15 -13.73 41.23
CA LYS A 180 6.77 -13.14 42.52
C LYS A 180 7.90 -12.32 43.17
N ASP A 181 9.12 -12.40 42.61
CA ASP A 181 10.28 -11.70 43.14
C ASP A 181 10.71 -10.54 42.22
N VAL A 182 10.05 -9.41 42.42
CA VAL A 182 10.25 -8.18 41.66
C VAL A 182 11.18 -7.27 42.45
N GLY A 183 12.10 -6.62 41.75
CA GLY A 183 13.10 -5.75 42.37
C GLY A 183 12.92 -4.26 42.14
N VAL A 184 11.68 -3.78 41.98
CA VAL A 184 11.44 -2.39 41.59
C VAL A 184 11.18 -1.47 42.77
N ASP A 185 11.10 -2.04 43.98
CA ASP A 185 10.84 -1.34 45.22
C ASP A 185 12.00 -1.44 46.24
N ASN A 186 13.16 -1.93 45.82
CA ASN A 186 14.27 -2.20 46.74
C ASN A 186 15.16 -0.98 46.96
N ALA A 187 16.17 -1.12 47.82
CA ALA A 187 17.06 0.01 48.15
C ALA A 187 17.73 0.59 46.91
N GLY A 188 18.18 -0.27 46.01
CA GLY A 188 18.86 0.17 44.81
C GLY A 188 17.95 0.94 43.86
N ALA A 189 16.74 0.44 43.64
CA ALA A 189 15.78 1.11 42.76
C ALA A 189 15.37 2.48 43.31
N LYS A 190 15.13 2.55 44.61
CA LYS A 190 14.74 3.80 45.27
C LYS A 190 15.85 4.85 45.18
N ALA A 191 17.08 4.42 45.40
CA ALA A 191 18.21 5.35 45.32
C ALA A 191 18.33 5.91 43.91
N GLY A 192 18.22 5.05 42.90
CA GLY A 192 18.28 5.46 41.51
C GLY A 192 17.24 6.51 41.14
N LEU A 193 15.98 6.20 41.42
CA LEU A 193 14.89 7.08 41.04
C LEU A 193 14.92 8.37 41.85
N THR A 194 15.32 8.28 43.13
CA THR A 194 15.48 9.48 43.96
C THR A 194 16.50 10.43 43.38
N PHE A 195 17.64 9.91 42.93
CA PHE A 195 18.63 10.73 42.29
C PHE A 195 18.02 11.43 41.05
N LEU A 196 17.26 10.69 40.25
CA LEU A 196 16.63 11.23 39.06
C LEU A 196 15.62 12.32 39.39
N VAL A 197 14.79 12.08 40.41
CA VAL A 197 13.80 13.07 40.84
C VAL A 197 14.48 14.32 41.42
N ASP A 198 15.57 14.14 42.18
CA ASP A 198 16.37 15.30 42.65
C ASP A 198 16.95 16.13 41.49
N LEU A 199 17.41 15.48 40.42
CA LEU A 199 17.80 16.20 39.20
C LEU A 199 16.66 17.09 38.71
N ILE A 200 15.44 16.54 38.67
CA ILE A 200 14.25 17.25 38.19
C ILE A 200 13.93 18.42 39.11
N LYS A 201 13.80 18.12 40.41
CA LYS A 201 13.45 19.10 41.44
C LYS A 201 14.37 20.31 41.46
N ASN A 202 15.67 20.05 41.25
CA ASN A 202 16.65 21.12 41.16
C ASN A 202 16.92 21.68 39.75
N LYS A 203 15.97 21.49 38.82
CA LYS A 203 15.98 22.14 37.48
C LYS A 203 17.15 21.76 36.56
N HIS A 204 17.79 20.63 36.82
CA HIS A 204 18.83 20.12 35.94
C HIS A 204 18.21 19.30 34.80
N MET A 205 16.97 18.85 35.00
CA MET A 205 16.15 18.23 33.97
C MET A 205 14.68 18.60 34.18
N ASN A 206 13.88 18.44 33.13
CA ASN A 206 12.44 18.73 33.14
CA ASN A 206 12.45 18.74 33.13
C ASN A 206 11.64 17.44 32.96
N ALA A 207 10.62 17.26 33.78
CA ALA A 207 9.78 16.04 33.76
C ALA A 207 9.12 15.76 32.41
N ASP A 208 8.78 16.81 31.68
CA ASP A 208 8.10 16.68 30.41
C ASP A 208 9.02 16.27 29.27
N THR A 209 10.34 16.27 29.46
CA THR A 209 11.26 15.90 28.39
C THR A 209 10.95 14.51 27.81
N ASP A 210 10.72 14.47 26.50
CA ASP A 210 10.45 13.23 25.77
C ASP A 210 11.54 12.96 24.73
N TYR A 211 11.31 11.98 23.86
CA TYR A 211 12.29 11.62 22.84
C TYR A 211 12.66 12.79 21.93
N SER A 212 11.66 13.41 21.29
CA SER A 212 11.88 14.53 20.34
C SER A 212 12.65 15.71 20.95
N ILE A 213 12.27 16.06 22.18
CA ILE A 213 12.80 17.22 22.89
C ILE A 213 14.29 17.00 23.12
N ALA A 214 14.62 15.84 23.67
CA ALA A 214 16.01 15.51 23.97
C ALA A 214 16.84 15.36 22.69
N GLU A 215 16.28 14.72 21.67
CA GLU A 215 16.97 14.61 20.37
C GLU A 215 17.27 15.98 19.78
N ALA A 216 16.25 16.84 19.73
CA ALA A 216 16.38 18.17 19.16
C ALA A 216 17.37 19.04 19.95
N ALA A 217 17.30 18.98 21.28
CA ALA A 217 18.27 19.67 22.14
C ALA A 217 19.70 19.22 21.91
N PHE A 218 19.93 17.90 21.81
CA PHE A 218 21.30 17.43 21.62
C PHE A 218 21.80 17.76 20.22
N ASN A 219 20.96 17.53 19.21
CA ASN A 219 21.37 17.74 17.82
C ASN A 219 21.49 19.21 17.40
N LYS A 220 20.84 20.12 18.15
CA LYS A 220 21.01 21.57 17.96
C LYS A 220 22.12 22.16 18.81
N GLY A 221 22.74 21.35 19.66
CA GLY A 221 23.90 21.79 20.44
C GLY A 221 23.56 22.50 21.73
N GLU A 222 22.34 22.27 22.23
CA GLU A 222 21.82 22.96 23.43
C GLU A 222 22.12 22.21 24.73
N THR A 223 22.34 20.90 24.63
CA THR A 223 22.72 20.07 25.78
C THR A 223 24.00 19.27 25.51
N ALA A 224 24.82 19.08 26.53
CA ALA A 224 26.12 18.44 26.35
C ALA A 224 26.03 16.91 26.17
N MET A 225 24.97 16.29 26.68
CA MET A 225 24.84 14.85 26.64
C MET A 225 23.40 14.37 26.43
N THR A 226 23.29 13.16 25.91
CA THR A 226 22.03 12.48 25.85
C THR A 226 22.28 11.00 26.06
N ILE A 227 21.19 10.28 26.24
CA ILE A 227 21.23 8.84 26.39
C ILE A 227 20.31 8.30 25.32
N ASN A 228 20.89 7.49 24.46
CA ASN A 228 20.19 6.94 23.32
C ASN A 228 20.90 5.75 22.75
N GLY A 229 20.20 5.05 21.86
CA GLY A 229 20.71 3.88 21.20
C GLY A 229 21.17 4.16 19.78
N PRO A 230 21.71 3.12 19.11
CA PRO A 230 22.34 3.22 17.79
C PRO A 230 21.50 3.92 16.71
N TRP A 231 20.22 3.61 16.67
CA TRP A 231 19.23 4.22 15.76
C TRP A 231 19.30 5.75 15.66
N ALA A 232 19.59 6.42 16.78
CA ALA A 232 19.69 7.86 16.85
C ALA A 232 20.93 8.46 16.17
N TRP A 233 21.93 7.63 15.83
CA TRP A 233 23.20 8.19 15.32
C TRP A 233 23.10 8.90 13.95
N SER A 234 22.23 8.41 13.04
CA SER A 234 21.99 9.06 11.72
C SER A 234 21.65 10.53 11.81
N ASN A 235 20.62 10.85 12.62
CA ASN A 235 20.20 12.26 12.81
C ASN A 235 21.29 13.09 13.45
N ILE A 236 22.12 12.50 14.31
CA ILE A 236 23.25 13.25 14.88
C ILE A 236 24.30 13.51 13.78
N ASP A 237 24.59 12.50 12.96
CA ASP A 237 25.47 12.68 11.78
C ASP A 237 24.97 13.82 10.87
N THR A 238 23.66 13.82 10.60
CA THR A 238 23.01 14.84 9.77
C THR A 238 23.09 16.25 10.38
N SER A 239 23.07 16.34 11.71
CA SER A 239 23.17 17.61 12.41
C SER A 239 24.59 18.15 12.45
N LYS A 240 25.57 17.29 12.16
CA LYS A 240 27.01 17.63 12.11
C LYS A 240 27.68 17.85 13.48
N VAL A 241 26.97 17.57 14.59
CA VAL A 241 27.55 17.65 15.93
C VAL A 241 28.71 16.66 16.02
N ASN A 242 29.84 17.11 16.58
CA ASN A 242 30.99 16.25 16.85
CA ASN A 242 30.98 16.24 16.84
C ASN A 242 30.74 15.48 18.15
N TYR A 243 30.27 14.24 18.02
CA TYR A 243 29.81 13.44 19.16
C TYR A 243 30.66 12.21 19.40
N GLY A 244 30.70 11.80 20.67
CA GLY A 244 31.27 10.52 21.07
C GLY A 244 30.18 9.66 21.66
N VAL A 245 30.37 8.34 21.60
CA VAL A 245 29.49 7.34 22.17
C VAL A 245 30.34 6.59 23.19
N THR A 246 29.92 6.59 24.47
CA THR A 246 30.76 6.05 25.54
CA THR A 246 30.75 6.04 25.54
C THR A 246 29.94 5.34 26.63
N VAL A 247 30.65 4.74 27.58
CA VAL A 247 30.09 4.11 28.77
C VAL A 247 29.17 5.08 29.52
N LEU A 248 27.98 4.59 29.86
CA LEU A 248 27.04 5.34 30.66
C LEU A 248 27.69 5.70 32.01
N PRO A 249 27.20 6.75 32.68
CA PRO A 249 27.84 7.10 33.95
C PRO A 249 27.58 6.09 35.06
N THR A 250 28.50 6.01 36.02
CA THR A 250 28.34 5.17 37.21
C THR A 250 27.46 5.87 38.21
N PHE A 251 26.71 5.08 38.98
CA PHE A 251 25.93 5.58 40.08
C PHE A 251 26.36 4.85 41.34
N LYS A 252 26.72 5.61 42.37
CA LYS A 252 27.26 5.07 43.63
C LYS A 252 28.45 4.12 43.35
N GLY A 253 29.30 4.54 42.43
CA GLY A 253 30.43 3.74 41.94
C GLY A 253 30.09 2.51 41.09
N GLN A 254 28.80 2.26 40.86
CA GLN A 254 28.35 1.04 40.18
C GLN A 254 27.99 1.39 38.74
N PRO A 255 28.29 0.51 37.78
CA PRO A 255 27.89 0.85 36.39
C PRO A 255 26.37 0.99 36.19
N SER A 256 25.93 1.88 35.30
CA SER A 256 24.54 1.85 34.83
C SER A 256 24.30 0.54 34.09
N LYS A 257 23.11 -0.03 34.24
CA LYS A 257 22.80 -1.37 33.75
C LYS A 257 21.63 -1.34 32.75
N PRO A 258 21.90 -0.96 31.48
CA PRO A 258 20.81 -0.88 30.51
C PRO A 258 20.20 -2.25 30.20
N PHE A 259 18.89 -2.27 30.02
CA PHE A 259 18.22 -3.49 29.62
C PHE A 259 18.51 -3.71 28.14
N VAL A 260 19.18 -4.80 27.81
CA VAL A 260 19.58 -5.10 26.44
C VAL A 260 18.44 -5.73 25.65
N GLY A 261 18.18 -5.17 24.47
CA GLY A 261 17.09 -5.64 23.60
C GLY A 261 17.63 -6.20 22.29
N VAL A 262 16.93 -7.20 21.78
CA VAL A 262 17.28 -7.90 20.55
C VAL A 262 16.11 -7.57 19.63
N LEU A 263 16.32 -6.60 18.76
CA LEU A 263 15.38 -6.32 17.69
C LEU A 263 15.16 -7.62 16.95
N SER A 264 13.89 -8.00 16.86
CA SER A 264 13.47 -9.28 16.31
C SER A 264 12.27 -9.12 15.40
N ALA A 265 12.14 -10.01 14.42
CA ALA A 265 11.02 -9.97 13.48
C ALA A 265 10.14 -11.23 13.65
N GLY A 266 8.88 -11.03 14.02
CA GLY A 266 7.92 -12.14 14.21
C GLY A 266 6.95 -12.25 13.05
N ILE A 267 6.41 -13.45 12.87
CA ILE A 267 5.45 -13.70 11.84
C ILE A 267 4.11 -13.87 12.54
N ASN A 268 3.17 -13.01 12.15
CA ASN A 268 1.83 -12.99 12.70
C ASN A 268 1.17 -14.32 12.36
N ALA A 269 0.63 -14.96 13.39
CA ALA A 269 -0.08 -16.23 13.24
C ALA A 269 -1.34 -16.08 12.36
N ALA A 270 -1.90 -14.87 12.28
CA ALA A 270 -3.03 -14.58 11.38
C ALA A 270 -2.66 -14.41 9.89
N SER A 271 -1.37 -14.36 9.57
CA SER A 271 -0.92 -14.16 8.20
C SER A 271 -1.18 -15.36 7.31
N PRO A 272 -1.71 -15.13 6.09
CA PRO A 272 -1.77 -16.16 5.08
C PRO A 272 -0.49 -16.26 4.24
N ASN A 273 0.54 -15.47 4.60
CA ASN A 273 1.74 -15.28 3.80
C ASN A 273 2.97 -15.76 4.57
N LYS A 274 2.83 -16.83 5.34
CA LYS A 274 3.92 -17.24 6.23
C LYS A 274 5.18 -17.65 5.46
N GLU A 275 4.98 -18.27 4.30
CA GLU A 275 6.07 -18.73 3.44
C GLU A 275 6.76 -17.55 2.78
N LEU A 276 5.98 -16.58 2.28
CA LEU A 276 6.57 -15.36 1.74
C LEU A 276 7.31 -14.59 2.84
N ALA A 277 6.77 -14.57 4.06
CA ALA A 277 7.44 -13.90 5.17
C ALA A 277 8.79 -14.52 5.53
N LYS A 278 8.85 -15.86 5.53
CA LYS A 278 10.10 -16.58 5.75
C LYS A 278 11.16 -16.27 4.67
N GLU A 279 10.71 -16.29 3.41
CA GLU A 279 11.61 -16.05 2.27
C GLU A 279 12.21 -14.64 2.33
N PHE A 280 11.38 -13.65 2.67
CA PHE A 280 11.86 -12.28 2.82
C PHE A 280 12.87 -12.17 3.96
N LEU A 281 12.50 -12.70 5.12
CA LEU A 281 13.36 -12.56 6.30
C LEU A 281 14.66 -13.32 6.11
N GLU A 282 14.57 -14.58 5.68
CA GLU A 282 15.78 -15.39 5.53
C GLU A 282 16.66 -15.05 4.34
N ASN A 283 16.04 -14.85 3.17
CA ASN A 283 16.78 -14.73 1.93
C ASN A 283 17.08 -13.30 1.47
N TYR A 284 16.38 -12.31 2.05
CA TYR A 284 16.55 -10.89 1.67
C TYR A 284 17.04 -10.03 2.82
N LEU A 285 16.31 -9.99 3.93
CA LEU A 285 16.70 -9.13 5.06
C LEU A 285 17.98 -9.59 5.76
N LEU A 286 18.05 -10.87 6.12
CA LEU A 286 19.16 -11.35 6.95
C LEU A 286 20.34 -11.78 6.08
N THR A 287 20.83 -10.83 5.30
CA THR A 287 21.98 -10.97 4.43
C THR A 287 22.81 -9.72 4.68
N ASP A 288 24.08 -9.69 4.23
CA ASP A 288 24.93 -8.50 4.42
C ASP A 288 24.31 -7.30 3.72
N GLU A 289 23.76 -7.53 2.53
CA GLU A 289 23.16 -6.48 1.72
C GLU A 289 21.85 -5.95 2.32
N GLY A 290 21.03 -6.86 2.84
CA GLY A 290 19.75 -6.50 3.43
C GLY A 290 19.90 -5.67 4.69
N LEU A 291 20.72 -6.16 5.62
CA LEU A 291 20.98 -5.42 6.85
C LEU A 291 21.70 -4.10 6.61
N GLU A 292 22.55 -4.05 5.57
CA GLU A 292 23.30 -2.83 5.29
C GLU A 292 22.34 -1.74 4.86
N ALA A 293 21.36 -2.12 4.05
CA ALA A 293 20.34 -1.18 3.57
C ALA A 293 19.55 -0.58 4.73
N VAL A 294 19.19 -1.41 5.70
CA VAL A 294 18.52 -0.93 6.91
C VAL A 294 19.48 -0.10 7.75
N ASN A 295 20.70 -0.59 7.96
CA ASN A 295 21.72 0.09 8.79
C ASN A 295 22.09 1.49 8.30
N LYS A 296 22.15 1.63 6.96
CA LYS A 296 22.44 2.89 6.29
C LYS A 296 21.42 3.98 6.57
N ASP A 297 20.18 3.56 6.76
CA ASP A 297 19.09 4.46 7.09
C ASP A 297 19.18 4.84 8.58
N LYS A 298 19.09 3.85 9.47
CA LYS A 298 19.25 4.08 10.91
C LYS A 298 20.08 2.92 11.44
N PRO A 299 21.20 3.22 12.15
CA PRO A 299 22.01 2.11 12.62
C PRO A 299 21.24 1.10 13.49
N LEU A 300 21.52 -0.17 13.25
CA LEU A 300 20.79 -1.25 13.91
C LEU A 300 21.35 -1.60 15.30
N GLY A 301 22.60 -1.22 15.57
CA GLY A 301 23.36 -1.80 16.68
C GLY A 301 24.26 -2.92 16.21
N ALA A 302 24.60 -3.79 17.17
CA ALA A 302 25.34 -5.01 16.91
C ALA A 302 24.46 -6.08 16.29
N VAL A 303 24.62 -6.37 15.02
CA VAL A 303 23.70 -7.28 14.35
C VAL A 303 23.88 -8.76 14.72
N ALA A 304 22.77 -9.50 14.66
CA ALA A 304 22.74 -10.93 14.92
C ALA A 304 23.49 -11.72 13.86
N LEU A 305 23.50 -11.20 12.62
CA LEU A 305 24.14 -11.87 11.50
C LEU A 305 25.67 -11.73 11.59
N LYS A 306 26.33 -12.86 11.85
CA LYS A 306 27.77 -12.90 12.15
C LYS A 306 28.62 -12.29 11.04
N SER A 307 28.28 -12.58 9.78
CA SER A 307 29.05 -12.08 8.65
C SER A 307 29.06 -10.54 8.61
N TYR A 308 27.92 -9.92 8.89
CA TYR A 308 27.85 -8.46 8.90
C TYR A 308 28.36 -7.83 10.17
N GLU A 309 28.17 -8.51 11.30
CA GLU A 309 28.67 -7.97 12.57
C GLU A 309 30.19 -7.86 12.59
N GLU A 310 30.88 -8.76 11.90
CA GLU A 310 32.34 -8.70 11.77
C GLU A 310 32.81 -7.33 11.28
N GLU A 311 32.09 -6.71 10.34
CA GLU A 311 32.41 -5.36 9.88
C GLU A 311 32.00 -4.30 10.89
N LEU A 312 30.76 -4.37 11.37
CA LEU A 312 30.24 -3.34 12.29
C LEU A 312 31.00 -3.27 13.62
N ALA A 313 31.53 -4.39 14.08
CA ALA A 313 32.27 -4.46 15.37
C ALA A 313 33.55 -3.62 15.34
N LYS A 314 34.07 -3.34 14.15
CA LYS A 314 35.24 -2.44 13.98
C LYS A 314 34.95 -0.96 14.29
N ASP A 315 33.65 -0.60 14.33
CA ASP A 315 33.20 0.75 14.66
C ASP A 315 33.28 0.97 16.18
N PRO A 316 34.07 1.96 16.65
CA PRO A 316 34.11 2.21 18.09
C PRO A 316 32.74 2.56 18.73
N ARG A 317 31.79 3.08 17.96
CA ARG A 317 30.45 3.35 18.51
C ARG A 317 29.72 2.05 18.85
N ILE A 318 29.95 1.03 18.03
CA ILE A 318 29.41 -0.32 18.28
C ILE A 318 30.15 -1.02 19.42
N ALA A 319 31.47 -0.79 19.55
CA ALA A 319 32.20 -1.32 20.72
C ALA A 319 31.74 -0.66 22.02
N ALA A 320 31.41 0.64 21.99
CA ALA A 320 30.85 1.30 23.18
C ALA A 320 29.46 0.73 23.49
N THR A 321 28.67 0.45 22.46
CA THR A 321 27.35 -0.18 22.62
C THR A 321 27.48 -1.54 23.32
N MET A 322 28.45 -2.34 22.90
CA MET A 322 28.63 -3.69 23.46
C MET A 322 29.20 -3.66 24.87
N GLU A 323 30.07 -2.69 25.16
CA GLU A 323 30.55 -2.48 26.53
C GLU A 323 29.38 -2.15 27.48
N ASN A 324 28.51 -1.24 27.08
CA ASN A 324 27.32 -0.93 27.89
C ASN A 324 26.42 -2.15 28.02
N ALA A 325 26.22 -2.87 26.92
CA ALA A 325 25.43 -4.10 26.90
C ALA A 325 25.94 -5.14 27.90
N GLN A 326 27.26 -5.31 27.99
CA GLN A 326 27.85 -6.32 28.89
C GLN A 326 27.71 -5.95 30.36
N LYS A 327 27.61 -4.66 30.67
CA LYS A 327 27.31 -4.19 32.03
C LYS A 327 25.81 -4.25 32.36
N GLY A 328 24.99 -4.55 31.35
CA GLY A 328 23.55 -4.61 31.48
C GLY A 328 23.03 -6.04 31.56
N GLU A 329 21.75 -6.18 31.28
CA GLU A 329 21.09 -7.46 31.31
C GLU A 329 20.20 -7.60 30.09
N ILE A 330 20.25 -8.77 29.45
CA ILE A 330 19.30 -9.13 28.40
CA ILE A 330 19.30 -9.12 28.39
C ILE A 330 17.90 -9.10 29.00
N MET A 331 16.96 -8.45 28.31
CA MET A 331 15.60 -8.33 28.88
C MET A 331 14.97 -9.71 28.92
N PRO A 332 14.16 -9.98 29.96
CA PRO A 332 13.31 -11.18 29.88
C PRO A 332 12.29 -11.04 28.76
N ASN A 333 11.77 -12.17 28.25
CA ASN A 333 10.69 -12.14 27.27
C ASN A 333 9.39 -12.66 27.85
N ILE A 334 9.37 -12.94 29.15
CA ILE A 334 8.20 -13.48 29.83
C ILE A 334 6.97 -12.58 29.62
N PRO A 335 5.77 -13.20 29.60
CA PRO A 335 4.52 -12.45 29.44
C PRO A 335 4.28 -11.32 30.45
N GLN A 336 4.87 -11.44 31.65
CA GLN A 336 4.71 -10.43 32.70
C GLN A 336 5.47 -9.12 32.38
N MET A 337 6.30 -9.13 31.34
CA MET A 337 7.06 -7.94 30.98
C MET A 337 6.18 -6.73 30.65
N SER A 338 5.04 -6.96 29.99
CA SER A 338 4.11 -5.88 29.70
C SER A 338 3.66 -5.16 30.97
N ALA A 339 3.29 -5.94 31.99
CA ALA A 339 2.90 -5.42 33.31
C ALA A 339 4.05 -4.71 34.00
N PHE A 340 5.24 -5.28 33.86
CA PHE A 340 6.45 -4.67 34.39
C PHE A 340 6.69 -3.28 33.82
N TRP A 341 6.65 -3.18 32.49
CA TRP A 341 6.90 -1.93 31.83
C TRP A 341 5.85 -0.89 32.14
N TYR A 342 4.59 -1.31 32.14
CA TYR A 342 3.47 -0.46 32.52
C TYR A 342 3.69 0.06 33.94
N ALA A 343 4.04 -0.83 34.88
CA ALA A 343 4.30 -0.45 36.28
C ALA A 343 5.43 0.57 36.41
N VAL A 344 6.57 0.33 35.76
CA VAL A 344 7.71 1.23 35.94
C VAL A 344 7.50 2.56 35.22
N ARG A 345 6.83 2.53 34.07
CA ARG A 345 6.48 3.75 33.33
C ARG A 345 5.64 4.69 34.20
N THR A 346 4.57 4.16 34.77
CA THR A 346 3.69 5.01 35.59
C THR A 346 4.45 5.54 36.81
N ALA A 347 5.20 4.68 37.48
CA ALA A 347 6.03 5.09 38.63
C ALA A 347 7.02 6.21 38.32
N VAL A 348 7.71 6.10 37.18
CA VAL A 348 8.73 7.07 36.82
C VAL A 348 8.04 8.40 36.49
N ILE A 349 6.94 8.35 35.72
CA ILE A 349 6.17 9.55 35.37
C ILE A 349 5.56 10.23 36.60
N ASN A 350 4.96 9.43 37.47
CA ASN A 350 4.40 9.97 38.71
C ASN A 350 5.42 10.57 39.69
N ALA A 351 6.60 9.94 39.80
CA ALA A 351 7.66 10.46 40.67
C ALA A 351 8.27 11.75 40.12
N ALA A 352 8.53 11.76 38.81
CA ALA A 352 9.19 12.88 38.16
C ALA A 352 8.33 14.14 38.17
N SER A 353 7.01 13.94 38.09
CA SER A 353 6.03 15.02 38.03
C SER A 353 5.62 15.49 39.44
N GLY A 354 5.80 14.63 40.45
CA GLY A 354 5.40 14.93 41.82
C GLY A 354 3.99 14.45 42.17
N ARG A 355 3.36 13.68 41.29
CA ARG A 355 2.07 13.06 41.60
C ARG A 355 2.19 12.11 42.79
N GLN A 356 3.33 11.40 42.87
CA GLN A 356 3.64 10.54 44.02
C GLN A 356 5.08 10.77 44.42
N THR A 357 5.41 10.35 45.65
CA THR A 357 6.79 10.25 46.08
C THR A 357 7.44 9.05 45.41
N VAL A 358 8.77 8.99 45.49
CA VAL A 358 9.53 7.86 44.96
C VAL A 358 9.12 6.55 45.65
N ASP A 359 9.06 6.58 46.98
CA ASP A 359 8.64 5.44 47.79
C ASP A 359 7.23 4.95 47.43
N GLU A 360 6.27 5.85 47.34
CA GLU A 360 4.88 5.52 46.94
C GLU A 360 4.79 4.97 45.51
N ALA A 361 5.46 5.64 44.58
CA ALA A 361 5.38 5.25 43.17
C ALA A 361 5.91 3.84 42.97
N LEU A 362 7.05 3.56 43.59
CA LEU A 362 7.72 2.26 43.47
C LEU A 362 7.01 1.15 44.27
N LYS A 363 6.42 1.48 45.43
CA LYS A 363 5.54 0.52 46.13
C LYS A 363 4.42 0.04 45.21
N ASP A 364 3.77 0.98 44.52
CA ASP A 364 2.69 0.65 43.59
C ASP A 364 3.20 -0.10 42.36
N ALA A 365 4.40 0.25 41.91
CA ALA A 365 5.01 -0.47 40.78
C ALA A 365 5.31 -1.93 41.12
N GLN A 366 5.80 -2.18 42.33
CA GLN A 366 6.04 -3.54 42.83
C GLN A 366 4.76 -4.38 42.78
N THR A 367 3.69 -3.84 43.36
CA THR A 367 2.42 -4.54 43.36
C THR A 367 1.92 -4.73 41.93
N ASN A 368 1.97 -3.69 41.10
CA ASN A 368 1.53 -3.82 39.70
C ASN A 368 2.34 -4.87 38.90
N ALA A 369 3.66 -4.79 38.96
CA ALA A 369 4.53 -5.72 38.24
C ALA A 369 4.38 -7.18 38.70
N ALA A 370 4.16 -7.38 39.99
CA ALA A 370 4.02 -8.73 40.57
C ALA A 370 2.59 -9.27 40.49
N GLU A 371 1.59 -8.42 40.73
CA GLU A 371 0.20 -8.86 40.90
C GLU A 371 -0.66 -8.78 39.64
N LEU A 372 -0.43 -7.78 38.79
CA LEU A 372 -1.30 -7.51 37.64
C LEU A 372 -1.29 -8.70 36.66
N ASN A 373 -2.50 -9.14 36.31
CA ASN A 373 -2.72 -10.26 35.39
C ASN A 373 -3.30 -9.70 34.08
N GLY A 374 -2.41 -9.48 33.11
CA GLY A 374 -2.79 -8.92 31.81
C GLY A 374 -3.87 -9.71 31.07
N PRO A 375 -3.61 -11.01 30.80
CA PRO A 375 -4.61 -11.93 30.22
C PRO A 375 -5.99 -11.94 30.89
N LEU A 376 -6.01 -12.04 32.23
CA LEU A 376 -7.24 -12.05 33.02
C LEU A 376 -8.00 -10.73 32.92
N ARG A 377 -7.27 -9.62 33.04
CA ARG A 377 -7.88 -8.29 32.93
C ARG A 377 -8.39 -8.04 31.51
N GLU A 378 -7.56 -8.38 30.51
CA GLU A 378 -7.97 -8.36 29.11
C GLU A 378 -9.27 -9.13 28.89
N GLU A 379 -9.32 -10.36 29.39
CA GLU A 379 -10.50 -11.21 29.25
C GLU A 379 -11.76 -10.53 29.82
N ILE A 380 -11.65 -10.03 31.05
CA ILE A 380 -12.79 -9.39 31.73
C ILE A 380 -13.24 -8.13 30.98
N VAL A 381 -12.28 -7.34 30.51
CA VAL A 381 -12.57 -6.15 29.72
C VAL A 381 -13.27 -6.50 28.40
N ASN A 382 -12.81 -7.57 27.74
CA ASN A 382 -13.36 -7.99 26.44
C ASN A 382 -14.78 -8.52 26.52
N PHE A 383 -15.06 -9.33 27.53
CA PHE A 383 -16.40 -9.89 27.76
C PHE A 383 -17.42 -8.81 28.11
N ASN A 384 -17.02 -7.88 28.97
CA ASN A 384 -17.87 -6.74 29.36
C ASN A 384 -18.19 -5.84 28.16
N CYS A 385 -17.19 -5.54 27.32
CA CYS A 385 -17.42 -4.77 26.09
C CYS A 385 -18.35 -5.52 25.15
N ARG A 386 -18.13 -6.83 25.02
CA ARG A 386 -18.94 -7.69 24.19
C ARG A 386 -20.42 -7.68 24.62
N LYS A 387 -20.65 -7.70 25.93
CA LYS A 387 -21.98 -7.53 26.49
C LYS A 387 -22.60 -6.22 26.04
N LEU A 388 -21.89 -5.12 26.28
CA LEU A 388 -22.40 -3.78 25.97
C LEU A 388 -22.80 -3.67 24.49
N VAL A 389 -21.88 -4.06 23.60
CA VAL A 389 -22.11 -3.97 22.15
C VAL A 389 -23.20 -4.96 21.70
N ALA A 390 -23.10 -6.22 22.12
CA ALA A 390 -24.09 -7.24 21.69
C ALA A 390 -25.50 -7.09 22.31
N SER A 391 -25.59 -6.36 23.43
CA SER A 391 -26.89 -6.02 24.05
C SER A 391 -27.74 -5.08 23.21
N MET A 392 -27.09 -4.21 22.43
CA MET A 392 -27.81 -3.23 21.63
C MET A 392 -28.64 -3.91 20.53
N PRO A 393 -29.96 -3.59 20.42
CA PRO A 393 -30.91 -4.17 19.46
C PRO A 393 -30.39 -4.36 18.04
N LEU A 394 -29.66 -3.37 17.55
CA LEU A 394 -29.03 -3.42 16.21
C LEU A 394 -28.06 -4.60 16.10
N PHE A 395 -27.21 -4.78 17.12
CA PHE A 395 -26.22 -5.85 17.15
C PHE A 395 -26.70 -7.17 17.77
N ALA A 396 -28.00 -7.28 18.09
CA ALA A 396 -28.52 -8.35 18.96
C ALA A 396 -28.48 -9.76 18.36
N ASN A 397 -28.46 -9.86 17.03
CA ASN A 397 -28.40 -11.15 16.32
C ASN A 397 -27.33 -11.19 15.21
N ALA A 398 -26.30 -10.35 15.34
CA ALA A 398 -25.24 -10.23 14.35
C ALA A 398 -24.20 -11.35 14.51
N ASP A 399 -23.48 -11.62 13.43
CA ASP A 399 -22.42 -12.62 13.40
C ASP A 399 -21.42 -12.32 14.54
N PRO A 400 -21.10 -13.32 15.39
CA PRO A 400 -20.17 -13.07 16.51
C PRO A 400 -18.83 -12.41 16.12
N ASN A 401 -18.30 -12.72 14.93
CA ASN A 401 -17.07 -12.09 14.43
C ASN A 401 -17.28 -10.61 14.06
N PHE A 402 -18.47 -10.24 13.62
CA PHE A 402 -18.82 -8.82 13.39
C PHE A 402 -18.75 -8.04 14.71
N VAL A 403 -19.39 -8.59 15.74
CA VAL A 403 -19.33 -8.01 17.09
C VAL A 403 -17.87 -7.88 17.57
N THR A 404 -17.08 -8.93 17.34
CA THR A 404 -15.67 -8.98 17.73
C THR A 404 -14.79 -7.90 17.07
N ALA A 405 -14.94 -7.72 15.75
CA ALA A 405 -14.25 -6.67 15.01
C ALA A 405 -14.64 -5.28 15.51
N MET A 406 -15.93 -5.11 15.77
CA MET A 406 -16.48 -3.87 16.33
C MET A 406 -15.92 -3.51 17.70
N LEU A 407 -15.67 -4.51 18.55
CA LEU A 407 -15.07 -4.31 19.87
C LEU A 407 -13.68 -3.65 19.85
N THR A 408 -12.91 -3.92 18.79
CA THR A 408 -11.56 -3.36 18.64
C THR A 408 -11.60 -1.86 18.38
N LYS A 409 -12.74 -1.38 17.87
CA LYS A 409 -12.90 0.02 17.56
C LYS A 409 -13.21 0.89 18.78
N LEU A 410 -13.77 0.28 19.83
CA LEU A 410 -14.21 1.04 21.01
C LEU A 410 -13.08 1.85 21.65
N LYS A 411 -13.41 3.07 22.06
CA LYS A 411 -12.46 3.96 22.73
C LYS A 411 -12.89 4.16 24.18
N PHE A 412 -11.95 4.08 25.12
CA PHE A 412 -12.25 4.31 26.54
C PHE A 412 -12.33 5.81 26.79
N GLU A 413 -13.44 6.24 27.38
CA GLU A 413 -13.60 7.64 27.80
C GLU A 413 -14.12 7.71 29.23
N VAL A 414 -13.67 8.73 29.96
CA VAL A 414 -14.09 8.98 31.34
C VAL A 414 -14.65 10.40 31.42
N PHE A 415 -15.60 10.58 32.32
CA PHE A 415 -16.23 11.86 32.54
C PHE A 415 -16.44 12.04 34.04
N GLN A 416 -16.35 13.29 34.47
CA GLN A 416 -16.55 13.68 35.87
C GLN A 416 -18.02 14.05 36.07
N PRO A 417 -18.52 13.97 37.31
CA PRO A 417 -19.85 14.51 37.66
C PRO A 417 -20.12 15.89 37.06
N GLY A 418 -21.29 16.07 36.46
CA GLY A 418 -21.64 17.32 35.80
C GLY A 418 -21.05 17.57 34.42
N ASP A 419 -20.17 16.71 33.93
CA ASP A 419 -19.71 16.80 32.54
C ASP A 419 -20.83 16.44 31.56
N TYR A 420 -21.04 17.29 30.55
CA TYR A 420 -21.91 16.93 29.43
C TYR A 420 -21.17 16.01 28.48
N ILE A 421 -21.66 14.79 28.36
CA ILE A 421 -21.10 13.84 27.39
C ILE A 421 -21.56 14.23 25.99
N ILE A 422 -22.84 14.50 25.86
CA ILE A 422 -23.45 15.01 24.64
C ILE A 422 -24.20 16.28 25.05
N ARG A 423 -24.13 17.32 24.22
CA ARG A 423 -24.89 18.56 24.40
C ARG A 423 -25.88 18.76 23.25
N GLU A 424 -27.16 18.94 23.61
CA GLU A 424 -28.23 19.15 22.63
C GLU A 424 -27.93 20.36 21.75
N GLY A 425 -28.22 20.23 20.46
CA GLY A 425 -27.89 21.26 19.48
C GLY A 425 -26.54 21.08 18.81
N THR A 426 -25.62 20.36 19.46
CA THR A 426 -24.30 20.07 18.86
C THR A 426 -24.38 18.93 17.82
N ILE A 427 -23.26 18.71 17.13
CA ILE A 427 -23.15 17.63 16.16
C ILE A 427 -22.10 16.63 16.61
N GLY A 428 -22.50 15.37 16.77
CA GLY A 428 -21.59 14.30 17.19
C GLY A 428 -21.48 13.20 16.16
N LYS A 429 -20.43 12.41 16.31
CA LYS A 429 -20.17 11.28 15.42
C LYS A 429 -19.98 9.98 16.20
N LYS A 430 -20.38 9.97 17.47
CA LYS A 430 -20.15 8.86 18.38
C LYS A 430 -21.43 8.47 19.12
N MET A 431 -21.61 7.17 19.31
CA MET A 431 -22.56 6.68 20.30
C MET A 431 -21.73 6.19 21.48
N TYR A 432 -22.39 5.97 22.60
CA TYR A 432 -21.70 5.68 23.87
C TYR A 432 -22.31 4.47 24.58
N PHE A 433 -21.46 3.66 25.21
CA PHE A 433 -21.91 2.54 26.06
C PHE A 433 -21.40 2.81 27.46
N ILE A 434 -22.25 2.55 28.45
CA ILE A 434 -21.92 2.84 29.85
C ILE A 434 -21.40 1.59 30.53
N GLN A 435 -20.09 1.56 30.77
CA GLN A 435 -19.44 0.49 31.50
C GLN A 435 -19.72 0.67 32.99
N HIS A 436 -19.53 1.88 33.50
CA HIS A 436 -19.83 2.18 34.89
C HIS A 436 -20.19 3.66 35.09
N GLY A 437 -21.31 3.91 35.76
CA GLY A 437 -21.74 5.28 36.07
C GLY A 437 -23.22 5.52 35.82
N VAL A 438 -23.68 6.72 36.18
CA VAL A 438 -25.06 7.14 35.95
C VAL A 438 -25.02 8.41 35.14
N VAL A 439 -25.91 8.51 34.14
CA VAL A 439 -26.09 9.74 33.36
C VAL A 439 -27.57 10.16 33.32
N SER A 440 -27.81 11.46 33.10
CA SER A 440 -29.15 11.99 32.84
C SER A 440 -29.28 12.36 31.38
N VAL A 441 -30.36 11.87 30.76
CA VAL A 441 -30.76 12.27 29.42
C VAL A 441 -31.77 13.41 29.59
N LEU A 442 -31.37 14.59 29.16
CA LEU A 442 -32.14 15.82 29.33
C LEU A 442 -32.59 16.30 27.96
N THR A 443 -33.89 16.56 27.82
CA THR A 443 -34.43 17.16 26.60
C THR A 443 -35.05 18.50 26.99
N LYS A 444 -34.66 19.58 26.31
CA LYS A 444 -34.95 20.98 26.74
C LYS A 444 -36.26 21.18 27.53
N GLY A 445 -36.12 21.46 28.83
CA GLY A 445 -37.25 21.65 29.75
C GLY A 445 -37.74 20.36 30.41
N ASN A 446 -37.76 19.29 29.62
CA ASN A 446 -38.63 18.14 29.86
C ASN A 446 -38.17 17.19 30.96
N LYS A 447 -39.00 16.17 31.14
CA LYS A 447 -38.66 14.87 31.71
C LYS A 447 -37.19 14.47 31.52
N GLU A 448 -36.49 14.23 32.64
CA GLU A 448 -35.21 13.54 32.63
C GLU A 448 -35.44 12.04 32.50
N MET A 449 -34.44 11.35 31.98
CA MET A 449 -34.37 9.90 32.02
C MET A 449 -32.96 9.55 32.46
N LYS A 450 -32.83 8.63 33.42
CA LYS A 450 -31.52 8.27 33.95
C LYS A 450 -31.13 6.92 33.41
N LEU A 451 -29.89 6.83 32.93
CA LEU A 451 -29.33 5.59 32.42
C LEU A 451 -28.13 5.19 33.27
N SER A 452 -27.84 3.90 33.30
CA SER A 452 -26.76 3.37 34.14
C SER A 452 -26.04 2.18 33.47
N ASP A 453 -25.16 1.53 34.24
CA ASP A 453 -24.28 0.45 33.77
C ASP A 453 -24.99 -0.49 32.82
N GLY A 454 -24.42 -0.67 31.62
CA GLY A 454 -24.99 -1.56 30.63
C GLY A 454 -25.74 -0.87 29.51
N SER A 455 -26.17 0.36 29.76
CA SER A 455 -27.05 1.08 28.83
C SER A 455 -26.24 1.73 27.71
N TYR A 456 -26.96 2.27 26.74
CA TYR A 456 -26.33 2.99 25.63
C TYR A 456 -27.16 4.22 25.24
N PHE A 457 -26.52 5.09 24.47
CA PHE A 457 -27.12 6.33 23.99
C PHE A 457 -26.27 7.01 22.87
N GLY A 458 -26.89 7.97 22.19
CA GLY A 458 -26.26 8.68 21.08
C GLY A 458 -26.22 7.92 19.76
N GLU A 459 -26.98 6.83 19.70
CA GLU A 459 -26.93 5.91 18.55
C GLU A 459 -27.48 6.48 17.25
N ILE A 460 -28.32 7.50 17.32
CA ILE A 460 -28.96 8.06 16.12
C ILE A 460 -27.94 8.71 15.17
N CYS A 461 -26.77 9.08 15.68
CA CYS A 461 -25.66 9.53 14.82
C CYS A 461 -25.17 8.46 13.83
N LEU A 462 -25.49 7.19 14.06
CA LEU A 462 -25.27 6.14 13.05
C LEU A 462 -26.10 6.31 11.77
N LEU A 463 -27.27 6.96 11.85
CA LEU A 463 -28.19 7.12 10.70
C LEU A 463 -28.69 8.54 10.42
N THR A 464 -28.11 9.56 11.07
CA THR A 464 -28.68 10.91 11.08
C THR A 464 -27.91 11.96 10.29
N ARG A 465 -26.58 11.98 10.40
CA ARG A 465 -25.75 13.09 9.88
C ARG A 465 -26.26 14.46 10.36
N GLY A 466 -26.84 14.48 11.56
CA GLY A 466 -27.64 15.60 12.05
C GLY A 466 -27.39 15.83 13.53
N ARG A 467 -28.17 16.72 14.12
CA ARG A 467 -27.87 17.26 15.44
C ARG A 467 -28.13 16.26 16.54
N ARG A 468 -27.60 16.57 17.71
CA ARG A 468 -27.98 15.88 18.93
C ARG A 468 -29.33 16.47 19.34
N THR A 469 -30.31 15.60 19.55
CA THR A 469 -31.68 16.00 19.95
C THR A 469 -31.94 15.95 21.48
N ALA A 470 -30.92 15.52 22.24
CA ALA A 470 -30.97 15.50 23.71
C ALA A 470 -29.58 15.74 24.28
N SER A 471 -29.51 16.28 25.51
CA SER A 471 -28.23 16.39 26.23
C SER A 471 -28.09 15.15 27.10
N VAL A 472 -26.85 14.70 27.30
CA VAL A 472 -26.55 13.61 28.26
C VAL A 472 -25.42 14.07 29.20
N ARG A 473 -25.75 14.15 30.50
CA ARG A 473 -24.87 14.69 31.54
C ARG A 473 -24.46 13.60 32.53
N ALA A 474 -23.16 13.54 32.86
CA ALA A 474 -22.70 12.59 33.87
C ALA A 474 -23.21 13.03 35.26
N ASP A 475 -23.90 12.15 35.96
CA ASP A 475 -24.32 12.42 37.35
C ASP A 475 -23.30 11.93 38.39
N THR A 476 -22.54 10.90 38.03
CA THR A 476 -21.42 10.40 38.84
C THR A 476 -20.17 10.33 37.95
N TYR A 477 -19.07 9.84 38.51
CA TYR A 477 -17.92 9.45 37.70
C TYR A 477 -18.32 8.32 36.74
N CYS A 478 -18.08 8.56 35.45
CA CYS A 478 -18.49 7.65 34.38
C CYS A 478 -17.30 7.07 33.64
N ARG A 479 -17.36 5.76 33.40
CA ARG A 479 -16.46 5.05 32.47
C ARG A 479 -17.30 4.57 31.29
N LEU A 480 -16.99 5.05 30.10
CA LEU A 480 -17.76 4.78 28.91
C LEU A 480 -16.88 4.24 27.79
N TYR A 481 -17.50 3.54 26.85
CA TYR A 481 -16.86 3.28 25.55
C TYR A 481 -17.63 3.99 24.45
N SER A 482 -16.91 4.68 23.58
CA SER A 482 -17.54 5.28 22.42
C SER A 482 -17.24 4.51 21.14
N LEU A 483 -18.17 4.60 20.20
CA LEU A 483 -18.09 3.94 18.91
C LEU A 483 -18.51 4.97 17.88
N SER A 484 -17.56 5.37 17.03
CA SER A 484 -17.78 6.42 16.05
C SER A 484 -18.43 5.87 14.79
N VAL A 485 -19.14 6.74 14.07
CA VAL A 485 -19.84 6.32 12.84
C VAL A 485 -18.87 5.82 11.76
N ASP A 486 -17.68 6.44 11.65
CA ASP A 486 -16.65 6.00 10.71
C ASP A 486 -16.25 4.56 11.00
N ASN A 487 -15.84 4.30 12.24
CA ASN A 487 -15.38 2.96 12.62
C ASN A 487 -16.48 1.91 12.51
N PHE A 488 -17.71 2.31 12.80
CA PHE A 488 -18.88 1.46 12.57
C PHE A 488 -19.02 1.05 11.10
N ASN A 489 -18.95 2.05 10.22
CA ASN A 489 -19.03 1.84 8.77
C ASN A 489 -17.93 0.92 8.27
N GLU A 490 -16.70 1.20 8.73
CA GLU A 490 -15.49 0.44 8.36
C GLU A 490 -15.64 -1.06 8.60
N VAL A 491 -16.19 -1.43 9.75
CA VAL A 491 -16.43 -2.84 10.07
C VAL A 491 -17.64 -3.35 9.28
N LEU A 492 -18.66 -2.50 9.14
CA LEU A 492 -19.87 -2.86 8.38
C LEU A 492 -19.57 -3.18 6.91
N GLU A 493 -18.53 -2.54 6.36
CA GLU A 493 -18.04 -2.81 5.00
C GLU A 493 -17.29 -4.15 4.89
N GLU A 494 -16.61 -4.55 5.97
CA GLU A 494 -15.97 -5.86 6.06
C GLU A 494 -16.95 -7.03 6.21
N TYR A 495 -18.22 -6.75 6.51
CA TYR A 495 -19.26 -7.79 6.65
C TYR A 495 -20.46 -7.41 5.79
N PRO A 496 -20.37 -7.61 4.45
CA PRO A 496 -21.40 -7.13 3.49
C PRO A 496 -22.82 -7.63 3.71
N MET A 497 -22.98 -8.82 4.31
CA MET A 497 -24.29 -9.39 4.63
C MET A 497 -25.02 -8.55 5.70
N MET A 498 -24.26 -8.00 6.64
CA MET A 498 -24.81 -7.10 7.68
C MET A 498 -25.11 -5.71 7.11
N ARG A 499 -24.23 -5.19 6.25
CA ARG A 499 -24.45 -3.90 5.58
C ARG A 499 -25.77 -3.91 4.80
N ARG A 500 -26.02 -5.00 4.10
CA ARG A 500 -27.26 -5.20 3.34
C ARG A 500 -28.49 -5.19 4.26
N ALA A 501 -28.40 -5.92 5.38
CA ALA A 501 -29.47 -5.95 6.38
C ALA A 501 -29.77 -4.54 6.89
N PHE A 502 -28.72 -3.82 7.29
CA PHE A 502 -28.83 -2.46 7.81
C PHE A 502 -29.28 -1.43 6.78
N GLU A 503 -28.99 -1.67 5.50
CA GLU A 503 -29.45 -0.80 4.42
C GLU A 503 -30.94 -1.02 4.14
N THR A 504 -31.38 -2.28 4.15
CA THR A 504 -32.80 -2.61 4.00
C THR A 504 -33.64 -2.11 5.18
N VAL A 505 -33.04 -2.01 6.36
CA VAL A 505 -33.67 -1.38 7.52
C VAL A 505 -33.91 0.11 7.24
N ALA A 506 -32.85 0.80 6.77
CA ALA A 506 -32.90 2.24 6.51
C ALA A 506 -33.80 2.59 5.31
N ILE A 507 -33.80 1.73 4.29
CA ILE A 507 -34.67 1.92 3.12
C ILE A 507 -36.16 1.92 3.48
N ASP A 508 -36.54 1.16 4.51
CA ASP A 508 -37.93 1.13 5.02
C ASP A 508 -38.24 2.23 6.06
N ARG A 509 -37.21 2.74 6.75
CA ARG A 509 -37.38 3.84 7.70
C ARG A 509 -37.73 5.21 7.08
N LEU A 510 -37.70 5.32 5.74
CA LEU A 510 -38.14 6.54 5.04
C LEU A 510 -39.66 6.68 4.87
N ASP A 511 -40.40 5.57 4.92
CA ASP A 511 -41.88 5.62 4.87
C ASP A 511 -42.46 6.02 6.21
N LYS B 2 -11.27 -3.25 -1.11
CA LYS B 2 -11.89 -1.90 -1.30
C LYS B 2 -10.89 -0.78 -1.01
N ILE B 3 -11.27 0.44 -1.37
CA ILE B 3 -10.33 1.59 -1.35
C ILE B 3 -10.22 2.19 0.05
N GLU B 4 -9.01 2.24 0.58
CA GLU B 4 -8.76 2.75 1.93
C GLU B 4 -8.92 4.29 1.98
N GLU B 5 -9.68 4.75 2.96
CA GLU B 5 -9.81 6.19 3.24
C GLU B 5 -8.52 6.69 3.91
N GLY B 6 -8.18 7.95 3.63
CA GLY B 6 -7.00 8.60 4.17
C GLY B 6 -5.69 8.33 3.44
N LYS B 7 -5.77 7.83 2.20
CA LYS B 7 -4.62 7.61 1.34
C LYS B 7 -5.08 7.85 -0.10
N LEU B 8 -4.13 8.04 -1.01
CA LEU B 8 -4.42 8.13 -2.46
C LEU B 8 -3.63 7.05 -3.18
N VAL B 9 -4.33 6.26 -3.98
CA VAL B 9 -3.71 5.34 -4.91
C VAL B 9 -3.94 5.88 -6.32
N ILE B 10 -2.87 5.95 -7.09
CA ILE B 10 -2.93 6.48 -8.46
C ILE B 10 -2.42 5.41 -9.41
N TRP B 11 -3.14 5.20 -10.51
CA TRP B 11 -2.69 4.35 -11.59
C TRP B 11 -2.33 5.20 -12.81
N ILE B 12 -1.14 4.98 -13.37
CA ILE B 12 -0.68 5.65 -14.60
C ILE B 12 0.12 4.63 -15.44
N ASN B 13 0.11 4.78 -16.76
CA ASN B 13 0.70 3.79 -17.66
C ASN B 13 2.22 3.78 -17.48
N GLY B 14 2.79 2.60 -17.62
CA GLY B 14 4.21 2.36 -17.43
C GLY B 14 5.15 3.12 -18.34
N ASP B 15 4.66 3.65 -19.47
CA ASP B 15 5.47 4.53 -20.34
C ASP B 15 5.56 5.98 -19.90
N LYS B 16 4.78 6.37 -18.89
CA LYS B 16 4.73 7.76 -18.44
C LYS B 16 5.67 8.00 -17.25
N GLY B 17 5.71 9.23 -16.79
CA GLY B 17 6.64 9.64 -15.74
C GLY B 17 6.15 9.30 -14.34
N TYR B 18 5.97 8.00 -14.05
CA TYR B 18 5.41 7.57 -12.75
C TYR B 18 6.30 7.90 -11.55
N ASN B 19 7.62 7.97 -11.72
CA ASN B 19 8.54 8.35 -10.64
C ASN B 19 8.47 9.85 -10.33
N GLY B 20 8.39 10.67 -11.37
CA GLY B 20 8.18 12.10 -11.18
C GLY B 20 6.86 12.38 -10.49
N LEU B 21 5.83 11.59 -10.83
CA LEU B 21 4.52 11.72 -10.18
C LEU B 21 4.62 11.33 -8.72
N ALA B 22 5.37 10.27 -8.43
CA ALA B 22 5.59 9.85 -7.05
C ALA B 22 6.27 10.95 -6.23
N GLU B 23 7.17 11.73 -6.84
CA GLU B 23 7.75 12.91 -6.18
C GLU B 23 6.69 13.94 -5.77
N VAL B 24 5.81 14.26 -6.70
CA VAL B 24 4.70 15.16 -6.41
C VAL B 24 3.92 14.63 -5.20
N GLY B 25 3.71 13.30 -5.18
CA GLY B 25 3.04 12.63 -4.07
C GLY B 25 3.73 12.73 -2.73
N LYS B 26 5.07 12.66 -2.74
CA LYS B 26 5.87 12.87 -1.53
C LYS B 26 5.73 14.28 -0.97
N LYS B 27 5.67 15.26 -1.86
CA LYS B 27 5.42 16.66 -1.48
C LYS B 27 4.00 16.81 -0.88
N PHE B 28 3.02 16.14 -1.49
CA PHE B 28 1.65 16.09 -0.95
C PHE B 28 1.61 15.54 0.49
N GLU B 29 2.29 14.41 0.70
CA GLU B 29 2.38 13.77 2.03
C GLU B 29 3.05 14.63 3.09
N LYS B 30 4.13 15.33 2.70
CA LYS B 30 4.80 16.29 3.57
C LYS B 30 3.85 17.37 4.10
N ASP B 31 3.06 17.95 3.20
CA ASP B 31 2.12 19.04 3.54
C ASP B 31 0.82 18.61 4.25
N THR B 32 0.34 17.40 3.97
CA THR B 32 -0.98 16.94 4.42
C THR B 32 -0.95 15.76 5.38
N GLY B 33 0.17 15.03 5.43
CA GLY B 33 0.21 13.72 6.09
C GLY B 33 -0.37 12.54 5.33
N ILE B 34 -0.87 12.78 4.10
CA ILE B 34 -1.60 11.76 3.35
C ILE B 34 -0.65 11.03 2.40
N LYS B 35 -0.56 9.71 2.54
CA LYS B 35 0.27 8.84 1.69
C LYS B 35 -0.27 8.79 0.26
N VAL B 36 0.61 8.93 -0.73
CA VAL B 36 0.25 8.79 -2.16
C VAL B 36 1.09 7.70 -2.78
N THR B 37 0.43 6.63 -3.23
CA THR B 37 1.09 5.50 -3.85
C THR B 37 0.81 5.52 -5.37
N VAL B 38 1.87 5.50 -6.17
CA VAL B 38 1.73 5.52 -7.64
C VAL B 38 2.01 4.10 -8.15
N GLU B 39 1.07 3.54 -8.93
CA GLU B 39 1.25 2.21 -9.51
C GLU B 39 1.11 2.31 -11.02
N HIS B 40 1.77 1.39 -11.73
CA HIS B 40 1.70 1.31 -13.18
C HIS B 40 1.43 -0.13 -13.61
N PRO B 41 0.22 -0.64 -13.31
CA PRO B 41 -0.07 -2.03 -13.62
C PRO B 41 -0.21 -2.31 -15.11
N ASP B 42 0.03 -3.57 -15.47
CA ASP B 42 -0.14 -4.11 -16.83
C ASP B 42 -1.59 -3.94 -17.29
N LYS B 43 -1.79 -3.54 -18.55
CA LYS B 43 -3.12 -3.45 -19.19
C LYS B 43 -4.11 -2.60 -18.39
N LEU B 44 -3.60 -1.47 -17.95
CA LEU B 44 -4.29 -0.47 -17.10
C LEU B 44 -5.70 -0.08 -17.55
N GLU B 45 -5.82 0.24 -18.83
CA GLU B 45 -7.06 0.73 -19.42
C GLU B 45 -8.18 -0.33 -19.44
N GLU B 46 -7.78 -1.61 -19.37
CA GLU B 46 -8.73 -2.73 -19.26
C GLU B 46 -8.94 -3.14 -17.78
N LYS B 47 -7.88 -3.10 -16.99
CA LYS B 47 -8.02 -3.39 -15.54
C LYS B 47 -8.96 -2.46 -14.81
N PHE B 48 -8.83 -1.15 -15.03
CA PHE B 48 -9.66 -0.15 -14.32
C PHE B 48 -11.17 -0.45 -14.29
N PRO B 49 -11.83 -0.64 -15.45
CA PRO B 49 -13.27 -0.92 -15.33
C PRO B 49 -13.61 -2.24 -14.63
N GLN B 50 -12.75 -3.25 -14.76
CA GLN B 50 -12.93 -4.54 -14.07
C GLN B 50 -12.91 -4.36 -12.54
N VAL B 51 -11.92 -3.62 -12.05
CA VAL B 51 -11.75 -3.44 -10.60
C VAL B 51 -12.56 -2.29 -10.01
N ALA B 52 -12.85 -1.25 -10.80
CA ALA B 52 -13.71 -0.16 -10.35
C ALA B 52 -15.15 -0.62 -10.14
N ALA B 53 -15.65 -1.48 -11.04
CA ALA B 53 -17.02 -1.99 -10.98
C ALA B 53 -17.40 -2.64 -9.64
N THR B 54 -16.42 -3.21 -8.93
CA THR B 54 -16.61 -3.82 -7.60
C THR B 54 -16.14 -2.92 -6.45
N GLY B 55 -16.11 -1.60 -6.68
CA GLY B 55 -15.70 -0.66 -5.64
C GLY B 55 -14.26 -0.76 -5.17
N ASP B 56 -13.40 -1.29 -6.05
CA ASP B 56 -11.97 -1.41 -5.78
C ASP B 56 -11.26 -0.48 -6.77
N GLY B 57 -9.93 -0.56 -6.82
CA GLY B 57 -9.15 0.16 -7.82
C GLY B 57 -8.44 1.35 -7.22
N PRO B 58 -7.92 2.21 -8.09
CA PRO B 58 -7.22 3.41 -7.63
C PRO B 58 -8.20 4.52 -7.29
N ASP B 59 -7.72 5.54 -6.58
CA ASP B 59 -8.50 6.76 -6.40
C ASP B 59 -8.51 7.61 -7.66
N ILE B 60 -7.35 7.68 -8.31
CA ILE B 60 -7.15 8.46 -9.51
C ILE B 60 -6.55 7.54 -10.58
N ILE B 61 -7.09 7.65 -11.80
CA ILE B 61 -6.59 6.89 -12.97
C ILE B 61 -6.18 7.85 -14.07
N PHE B 62 -4.98 7.61 -14.63
CA PHE B 62 -4.47 8.37 -15.76
C PHE B 62 -4.58 7.50 -17.01
N TRP B 63 -5.16 8.07 -18.06
CA TRP B 63 -5.09 7.54 -19.41
C TRP B 63 -5.42 8.68 -20.38
N ALA B 64 -5.18 8.46 -21.67
CA ALA B 64 -5.74 9.36 -22.67
C ALA B 64 -7.27 9.38 -22.61
N HIS B 65 -7.83 10.56 -22.90
CA HIS B 65 -9.25 10.84 -22.75
C HIS B 65 -10.20 9.91 -23.51
N ASP B 66 -9.73 9.23 -24.57
CA ASP B 66 -10.62 8.40 -25.39
C ASP B 66 -11.31 7.28 -24.60
N ARG B 67 -10.63 6.76 -23.58
CA ARG B 67 -11.21 5.72 -22.74
C ARG B 67 -12.27 6.22 -21.73
N PHE B 68 -12.30 7.52 -21.45
CA PHE B 68 -13.06 8.06 -20.32
C PHE B 68 -14.57 8.12 -20.52
N GLY B 69 -15.05 8.28 -21.77
CA GLY B 69 -16.48 8.23 -22.01
C GLY B 69 -17.09 6.86 -21.77
N GLY B 70 -16.38 5.79 -22.13
CA GLY B 70 -16.74 4.42 -21.72
C GLY B 70 -16.78 4.26 -20.21
N TYR B 71 -15.78 4.76 -19.51
CA TYR B 71 -15.77 4.71 -18.02
C TYR B 71 -16.92 5.53 -17.42
N ALA B 72 -17.20 6.70 -17.99
CA ALA B 72 -18.34 7.52 -17.59
C ALA B 72 -19.68 6.78 -17.77
N GLN B 73 -19.88 6.16 -18.95
CA GLN B 73 -21.06 5.34 -19.24
C GLN B 73 -21.30 4.25 -18.22
N SER B 74 -20.22 3.61 -17.80
CA SER B 74 -20.26 2.56 -16.80
C SER B 74 -20.39 3.05 -15.36
N GLY B 75 -20.39 4.37 -15.15
CA GLY B 75 -20.65 4.94 -13.83
C GLY B 75 -19.44 4.95 -12.92
N LEU B 76 -18.24 4.83 -13.51
CA LEU B 76 -17.01 4.66 -12.73
C LEU B 76 -16.23 5.93 -12.41
N LEU B 77 -16.66 7.05 -12.96
CA LEU B 77 -15.99 8.34 -12.72
C LEU B 77 -16.86 9.34 -11.95
N ALA B 78 -16.25 10.04 -11.00
CA ALA B 78 -16.90 11.15 -10.32
C ALA B 78 -16.90 12.37 -11.26
N GLU B 79 -17.98 13.15 -11.27
CA GLU B 79 -18.01 14.45 -11.96
C GLU B 79 -17.02 15.34 -11.22
N ILE B 80 -16.18 16.07 -11.96
CA ILE B 80 -15.26 16.98 -11.30
C ILE B 80 -15.83 18.40 -11.26
N THR B 81 -15.39 19.15 -10.27
CA THR B 81 -16.00 20.41 -9.88
C THR B 81 -14.99 21.56 -9.82
N PRO B 82 -14.14 21.71 -10.86
CA PRO B 82 -13.24 22.86 -10.80
C PRO B 82 -14.03 24.16 -10.98
N ASP B 83 -13.65 25.23 -10.28
CA ASP B 83 -14.29 26.54 -10.45
C ASP B 83 -13.74 27.28 -11.68
N LYS B 84 -14.32 28.43 -12.00
CA LYS B 84 -13.91 29.16 -13.19
C LYS B 84 -12.45 29.65 -13.13
N ALA B 85 -11.95 30.04 -11.96
CA ALA B 85 -10.54 30.39 -11.80
C ALA B 85 -9.62 29.21 -12.18
N PHE B 86 -9.97 28.00 -11.77
CA PHE B 86 -9.18 26.84 -12.14
C PHE B 86 -9.31 26.50 -13.63
N GLN B 87 -10.56 26.50 -14.12
CA GLN B 87 -10.83 26.26 -15.55
C GLN B 87 -10.03 27.16 -16.47
N ASP B 88 -9.92 28.44 -16.12
CA ASP B 88 -9.15 29.42 -16.89
C ASP B 88 -7.65 29.11 -16.97
N LYS B 89 -7.14 28.32 -16.03
CA LYS B 89 -5.76 27.86 -16.06
C LYS B 89 -5.44 26.84 -17.15
N LEU B 90 -6.44 26.13 -17.69
CA LEU B 90 -6.17 25.15 -18.76
C LEU B 90 -6.82 25.57 -20.09
N TYR B 91 -6.31 25.06 -21.20
CA TYR B 91 -6.88 25.34 -22.54
C TYR B 91 -8.30 24.77 -22.68
N PRO B 92 -9.23 25.54 -23.30
CA PRO B 92 -10.62 25.04 -23.49
C PRO B 92 -10.74 23.76 -24.29
N PHE B 93 -9.89 23.57 -25.31
CA PHE B 93 -9.95 22.32 -26.10
C PHE B 93 -9.59 21.10 -25.23
N THR B 94 -8.71 21.26 -24.25
CA THR B 94 -8.43 20.15 -23.32
C THR B 94 -9.64 19.84 -22.45
N TRP B 95 -10.36 20.86 -21.95
CA TRP B 95 -11.63 20.62 -21.21
C TRP B 95 -12.71 19.92 -22.07
N ASP B 96 -12.84 20.31 -23.34
CA ASP B 96 -13.84 19.69 -24.26
C ASP B 96 -13.61 18.19 -24.46
N ALA B 97 -12.35 17.76 -24.37
CA ALA B 97 -12.00 16.35 -24.49
C ALA B 97 -12.43 15.47 -23.32
N VAL B 98 -12.68 16.08 -22.16
CA VAL B 98 -13.00 15.35 -20.95
C VAL B 98 -14.46 15.64 -20.56
N ARG B 99 -15.29 15.95 -21.56
CA ARG B 99 -16.70 16.21 -21.34
C ARG B 99 -17.55 15.01 -21.75
N TYR B 100 -18.51 14.64 -20.90
CA TYR B 100 -19.47 13.57 -21.22
C TYR B 100 -20.84 13.93 -20.66
N ASN B 101 -21.84 13.96 -21.53
CA ASN B 101 -23.19 14.50 -21.23
C ASN B 101 -23.13 15.93 -20.66
N GLY B 102 -22.16 16.73 -21.15
CA GLY B 102 -21.95 18.07 -20.60
C GLY B 102 -21.25 18.17 -19.27
N LYS B 103 -20.90 17.04 -18.66
CA LYS B 103 -20.19 17.02 -17.40
C LYS B 103 -18.69 16.86 -17.65
N LEU B 104 -17.86 17.58 -16.89
CA LEU B 104 -16.41 17.31 -16.83
C LEU B 104 -16.19 16.03 -16.04
N ILE B 105 -15.49 15.08 -16.64
CA ILE B 105 -15.26 13.77 -16.00
C ILE B 105 -13.80 13.44 -15.73
N ALA B 106 -12.90 14.39 -15.96
CA ALA B 106 -11.49 14.18 -15.69
C ALA B 106 -10.78 15.52 -15.81
N TYR B 107 -9.60 15.60 -15.21
CA TYR B 107 -8.73 16.76 -15.32
C TYR B 107 -7.77 16.51 -16.48
N PRO B 108 -7.78 17.39 -17.51
CA PRO B 108 -6.75 17.28 -18.56
C PRO B 108 -5.36 17.60 -18.06
N ILE B 109 -4.39 16.85 -18.56
CA ILE B 109 -3.01 16.96 -18.08
C ILE B 109 -2.10 17.41 -19.23
N ALA B 110 -2.11 16.65 -20.33
CA ALA B 110 -1.23 16.94 -21.44
C ALA B 110 -1.75 16.43 -22.78
N VAL B 111 -1.21 17.00 -23.84
CA VAL B 111 -1.63 16.72 -25.20
C VAL B 111 -0.52 15.95 -25.90
N GLU B 112 -0.92 14.79 -26.42
CA GLU B 112 -0.04 13.79 -26.97
C GLU B 112 -0.35 13.60 -28.46
N ALA B 113 0.69 13.65 -29.30
CA ALA B 113 0.61 13.30 -30.71
C ALA B 113 1.89 12.60 -31.11
N LEU B 114 1.79 11.61 -32.00
CA LEU B 114 3.01 10.94 -32.51
C LEU B 114 3.77 11.81 -33.49
N SER B 115 5.11 11.67 -33.52
CA SER B 115 5.94 12.28 -34.53
C SER B 115 6.96 11.29 -35.13
N LEU B 116 7.51 11.70 -36.27
CA LEU B 116 8.65 11.02 -36.85
C LEU B 116 9.88 11.39 -36.06
N ILE B 117 10.55 10.40 -35.54
CA ILE B 117 11.80 10.59 -34.84
C ILE B 117 12.85 9.94 -35.70
N TYR B 118 13.98 10.64 -35.89
CA TYR B 118 15.00 10.15 -36.82
C TYR B 118 16.42 10.39 -36.31
N ASN B 119 17.33 9.52 -36.76
CA ASN B 119 18.70 9.53 -36.33
C ASN B 119 19.49 10.44 -37.27
N LYS B 120 19.90 11.59 -36.76
CA LYS B 120 20.59 12.59 -37.59
C LYS B 120 21.90 12.11 -38.24
N ASP B 121 22.59 11.15 -37.61
CA ASP B 121 23.83 10.58 -38.18
C ASP B 121 23.56 9.60 -39.32
N LEU B 122 22.56 8.73 -39.14
CA LEU B 122 22.16 7.81 -40.20
C LEU B 122 21.47 8.54 -41.35
N LEU B 123 20.73 9.58 -41.00
CA LEU B 123 19.72 10.14 -41.90
C LEU B 123 19.56 11.65 -41.68
N PRO B 124 20.57 12.44 -42.12
CA PRO B 124 20.49 13.90 -41.92
C PRO B 124 19.31 14.62 -42.59
N ASN B 125 18.75 14.05 -43.66
CA ASN B 125 17.59 14.62 -44.36
C ASN B 125 16.48 13.58 -44.46
N PRO B 126 15.63 13.47 -43.43
CA PRO B 126 14.64 12.39 -43.39
C PRO B 126 13.61 12.52 -44.50
N PRO B 127 13.05 11.41 -44.97
CA PRO B 127 12.15 11.45 -46.11
C PRO B 127 10.82 12.09 -45.77
N LYS B 128 10.28 12.83 -46.73
CA LYS B 128 9.00 13.51 -46.58
C LYS B 128 7.83 12.55 -46.86
N THR B 129 8.10 11.40 -47.47
CA THR B 129 7.01 10.52 -47.90
C THR B 129 7.22 9.10 -47.45
N TRP B 130 6.11 8.40 -47.22
CA TRP B 130 6.10 6.97 -46.93
C TRP B 130 6.64 6.17 -48.09
N GLU B 131 6.35 6.65 -49.30
CA GLU B 131 6.68 5.97 -50.55
C GLU B 131 8.20 5.79 -50.73
N GLU B 132 8.99 6.72 -50.21
CA GLU B 132 10.47 6.61 -50.20
C GLU B 132 11.05 5.50 -49.30
N ILE B 133 10.29 5.00 -48.32
CA ILE B 133 10.89 4.13 -47.28
C ILE B 133 11.48 2.82 -47.83
N PRO B 134 10.80 2.14 -48.78
CA PRO B 134 11.40 0.91 -49.31
C PRO B 134 12.82 1.03 -49.90
N ALA B 135 13.05 2.07 -50.70
CA ALA B 135 14.36 2.31 -51.35
C ALA B 135 15.39 2.80 -50.33
N LEU B 136 14.93 3.57 -49.36
CA LEU B 136 15.76 3.93 -48.23
C LEU B 136 16.15 2.71 -47.40
N ASP B 137 15.20 1.80 -47.15
CA ASP B 137 15.51 0.57 -46.40
C ASP B 137 16.59 -0.26 -47.11
N LYS B 138 16.46 -0.43 -48.43
CA LYS B 138 17.45 -1.17 -49.24
C LYS B 138 18.86 -0.65 -49.07
N GLU B 139 19.02 0.67 -49.18
CA GLU B 139 20.31 1.33 -48.96
C GLU B 139 20.84 0.99 -47.58
N LEU B 140 20.00 1.23 -46.57
CA LEU B 140 20.42 1.03 -45.18
C LEU B 140 20.68 -0.44 -44.85
N LYS B 141 19.90 -1.35 -45.43
CA LYS B 141 20.12 -2.80 -45.25
C LYS B 141 21.51 -3.24 -45.75
N ALA B 142 22.03 -2.60 -46.80
CA ALA B 142 23.37 -2.92 -47.29
C ALA B 142 24.50 -2.48 -46.33
N LYS B 143 24.20 -1.56 -45.40
CA LYS B 143 25.11 -1.18 -44.30
C LYS B 143 24.75 -1.82 -42.95
N GLY B 144 23.87 -2.82 -42.95
CA GLY B 144 23.42 -3.51 -41.75
C GLY B 144 22.51 -2.71 -40.83
N LYS B 145 21.73 -1.79 -41.39
CA LYS B 145 20.73 -1.02 -40.64
C LYS B 145 19.35 -1.21 -41.29
N SER B 146 18.32 -0.59 -40.71
CA SER B 146 16.99 -0.54 -41.32
C SER B 146 16.49 0.90 -41.32
N ALA B 147 15.49 1.17 -42.15
CA ALA B 147 14.97 2.52 -42.29
C ALA B 147 14.06 2.92 -41.11
N LEU B 148 13.11 2.07 -40.78
CA LEU B 148 12.06 2.45 -39.84
C LEU B 148 11.62 1.26 -39.02
N MET B 149 11.54 1.46 -37.69
CA MET B 149 10.89 0.48 -36.82
C MET B 149 9.99 1.21 -35.83
N PHE B 150 8.75 0.74 -35.73
CA PHE B 150 7.80 1.23 -34.76
C PHE B 150 6.81 0.12 -34.36
N ASN B 151 6.07 0.37 -33.27
CA ASN B 151 5.17 -0.62 -32.70
C ASN B 151 4.00 -0.98 -33.63
N LEU B 152 3.89 -2.26 -33.98
CA LEU B 152 2.81 -2.79 -34.83
C LEU B 152 1.76 -3.60 -34.07
N GLN B 153 1.92 -3.75 -32.75
CA GLN B 153 0.96 -4.50 -31.93
C GLN B 153 -0.14 -3.57 -31.42
N GLU B 154 0.14 -2.26 -31.38
CA GLU B 154 -0.82 -1.28 -30.91
C GLU B 154 -1.26 -0.41 -32.09
N PRO B 155 -2.57 -0.45 -32.43
CA PRO B 155 -3.04 0.25 -33.64
C PRO B 155 -2.91 1.77 -33.60
N TYR B 156 -2.76 2.36 -32.40
CA TYR B 156 -2.44 3.79 -32.24
C TYR B 156 -1.28 4.27 -33.18
N PHE B 157 -0.26 3.45 -33.33
CA PHE B 157 0.94 3.78 -34.10
C PHE B 157 0.78 3.65 -35.62
N THR B 158 -0.13 2.79 -36.06
CA THR B 158 -0.37 2.57 -37.48
CA THR B 158 -0.39 2.52 -37.47
C THR B 158 -1.51 3.44 -38.00
N TRP B 159 -2.30 3.98 -37.07
CA TRP B 159 -3.48 4.76 -37.41
C TRP B 159 -3.20 5.97 -38.28
N PRO B 160 -2.06 6.67 -38.06
CA PRO B 160 -1.78 7.84 -38.86
C PRO B 160 -1.66 7.55 -40.35
N LEU B 161 -1.07 6.41 -40.66
CA LEU B 161 -0.93 5.93 -42.04
C LEU B 161 -2.30 5.49 -42.59
N ILE B 162 -3.06 4.76 -41.77
CA ILE B 162 -4.44 4.37 -42.11
C ILE B 162 -5.35 5.57 -42.37
N ALA B 163 -5.24 6.61 -41.54
CA ALA B 163 -6.10 7.80 -41.69
C ALA B 163 -5.67 8.72 -42.85
N ALA B 164 -4.42 8.62 -43.31
CA ALA B 164 -3.83 9.62 -44.21
C ALA B 164 -4.62 9.84 -45.50
N ASP B 165 -4.95 8.75 -46.18
CA ASP B 165 -5.65 8.84 -47.47
C ASP B 165 -7.17 8.77 -47.31
N GLY B 166 -7.70 8.78 -46.08
CA GLY B 166 -9.17 8.85 -45.88
C GLY B 166 -9.84 7.94 -44.86
N GLY B 167 -9.10 7.06 -44.19
CA GLY B 167 -9.65 6.25 -43.12
C GLY B 167 -10.04 7.13 -41.93
N TYR B 168 -11.13 6.77 -41.25
CA TYR B 168 -11.61 7.49 -40.07
C TYR B 168 -12.36 6.55 -39.13
N ALA B 169 -12.47 6.94 -37.86
CA ALA B 169 -13.10 6.08 -36.87
C ALA B 169 -14.63 6.19 -36.98
N PHE B 170 -15.20 7.28 -36.46
CA PHE B 170 -16.61 7.60 -36.55
C PHE B 170 -16.75 8.97 -37.20
N LYS B 171 -17.80 9.15 -38.00
CA LYS B 171 -17.96 10.39 -38.79
C LYS B 171 -18.46 11.52 -37.88
N TYR B 172 -17.77 12.66 -37.91
CA TYR B 172 -18.18 13.81 -37.14
C TYR B 172 -18.96 14.73 -38.07
N GLU B 173 -20.13 15.17 -37.61
CA GLU B 173 -21.01 15.99 -38.41
C GLU B 173 -22.00 16.71 -37.51
N ASN B 174 -22.06 18.04 -37.65
CA ASN B 174 -22.98 18.87 -36.85
C ASN B 174 -22.82 18.59 -35.35
N GLY B 175 -21.58 18.66 -34.86
CA GLY B 175 -21.28 18.56 -33.43
C GLY B 175 -21.63 17.24 -32.74
N LYS B 176 -21.42 16.12 -33.43
CA LYS B 176 -21.88 14.80 -32.96
C LYS B 176 -21.34 13.66 -33.84
N TYR B 177 -20.90 12.57 -33.19
CA TYR B 177 -20.37 11.40 -33.89
C TYR B 177 -21.49 10.46 -34.30
N ASP B 178 -21.49 10.04 -35.57
CA ASP B 178 -22.42 9.04 -36.10
C ASP B 178 -21.82 7.64 -35.94
N ILE B 179 -22.28 6.93 -34.92
CA ILE B 179 -21.74 5.61 -34.55
C ILE B 179 -21.98 4.49 -35.56
N LYS B 180 -22.90 4.70 -36.51
CA LYS B 180 -23.14 3.75 -37.61
C LYS B 180 -22.36 4.09 -38.89
N ASP B 181 -21.62 5.18 -38.90
CA ASP B 181 -20.81 5.58 -40.05
C ASP B 181 -19.36 5.46 -39.64
N VAL B 182 -18.80 4.27 -39.87
CA VAL B 182 -17.42 3.96 -39.54
C VAL B 182 -16.60 3.96 -40.83
N GLY B 183 -15.37 4.45 -40.75
CA GLY B 183 -14.51 4.61 -41.92
C GLY B 183 -13.29 3.71 -41.95
N VAL B 184 -13.36 2.55 -41.31
CA VAL B 184 -12.16 1.70 -41.21
C VAL B 184 -12.00 0.80 -42.43
N ASP B 185 -12.99 0.75 -43.30
CA ASP B 185 -13.03 -0.15 -44.45
C ASP B 185 -13.19 0.61 -45.77
N ASN B 186 -13.06 1.94 -45.77
CA ASN B 186 -13.09 2.69 -47.04
C ASN B 186 -11.77 2.60 -47.83
N ALA B 187 -11.70 3.29 -48.97
CA ALA B 187 -10.58 3.21 -49.87
C ALA B 187 -9.28 3.76 -49.26
N GLY B 188 -9.37 4.88 -48.54
CA GLY B 188 -8.22 5.46 -47.84
C GLY B 188 -7.61 4.54 -46.76
N ALA B 189 -8.47 3.84 -46.01
CA ALA B 189 -8.02 2.89 -44.99
C ALA B 189 -7.36 1.68 -45.62
N LYS B 190 -8.01 1.11 -46.64
CA LYS B 190 -7.43 -0.01 -47.38
C LYS B 190 -6.08 0.36 -47.99
N ALA B 191 -6.00 1.50 -48.68
CA ALA B 191 -4.67 1.94 -49.21
C ALA B 191 -3.59 2.00 -48.15
N GLY B 192 -3.91 2.58 -47.00
CA GLY B 192 -2.93 2.74 -45.94
C GLY B 192 -2.44 1.43 -45.36
N LEU B 193 -3.37 0.50 -45.09
CA LEU B 193 -3.01 -0.76 -44.48
C LEU B 193 -2.29 -1.65 -45.48
N THR B 194 -2.70 -1.57 -46.75
CA THR B 194 -2.02 -2.30 -47.82
C THR B 194 -0.55 -1.87 -47.91
N PHE B 195 -0.28 -0.56 -47.79
CA PHE B 195 1.08 -0.07 -47.87
C PHE B 195 1.92 -0.64 -46.69
N LEU B 196 1.41 -0.54 -45.47
CA LEU B 196 2.05 -1.18 -44.32
C LEU B 196 2.34 -2.66 -44.55
N VAL B 197 1.33 -3.42 -44.98
CA VAL B 197 1.48 -4.84 -45.22
C VAL B 197 2.52 -5.15 -46.31
N ASP B 198 2.53 -4.34 -47.38
CA ASP B 198 3.56 -4.46 -48.40
C ASP B 198 4.97 -4.22 -47.87
N LEU B 199 5.13 -3.29 -46.92
CA LEU B 199 6.41 -3.09 -46.23
C LEU B 199 6.86 -4.37 -45.49
N ILE B 200 5.91 -5.03 -44.82
CA ILE B 200 6.17 -6.25 -44.06
C ILE B 200 6.52 -7.42 -44.98
N LYS B 201 5.64 -7.72 -45.94
CA LYS B 201 5.87 -8.78 -46.96
C LYS B 201 7.21 -8.69 -47.68
N ASN B 202 7.68 -7.46 -47.92
CA ASN B 202 8.96 -7.19 -48.53
C ASN B 202 10.12 -6.95 -47.57
N LYS B 203 9.97 -7.33 -46.30
CA LYS B 203 11.07 -7.33 -45.31
C LYS B 203 11.66 -5.96 -44.95
N HIS B 204 10.85 -4.92 -45.08
CA HIS B 204 11.25 -3.60 -44.62
C HIS B 204 10.81 -3.40 -43.19
N MET B 205 9.80 -4.17 -42.77
CA MET B 205 9.45 -4.32 -41.36
C MET B 205 9.09 -5.75 -41.06
N ASN B 206 8.98 -6.03 -39.77
CA ASN B 206 8.65 -7.36 -39.28
C ASN B 206 7.34 -7.24 -38.47
N ALA B 207 6.35 -8.09 -38.76
CA ALA B 207 5.03 -8.06 -38.11
C ALA B 207 5.00 -8.13 -36.56
N ASP B 208 6.04 -8.75 -35.99
CA ASP B 208 6.15 -8.95 -34.54
C ASP B 208 6.81 -7.78 -33.78
N THR B 209 7.17 -6.70 -34.48
CA THR B 209 7.83 -5.58 -33.83
C THR B 209 6.81 -4.93 -32.89
N ASP B 210 7.22 -4.78 -31.64
CA ASP B 210 6.41 -4.14 -30.62
C ASP B 210 7.13 -2.89 -30.11
N TYR B 211 6.66 -2.31 -29.00
CA TYR B 211 7.21 -1.06 -28.46
C TYR B 211 8.66 -1.22 -28.02
N SER B 212 8.92 -2.25 -27.22
CA SER B 212 10.25 -2.53 -26.70
C SER B 212 11.28 -2.76 -27.79
N ILE B 213 10.95 -3.60 -28.76
CA ILE B 213 11.85 -3.92 -29.90
C ILE B 213 12.21 -2.67 -30.68
N ALA B 214 11.18 -1.89 -31.01
CA ALA B 214 11.37 -0.66 -31.80
C ALA B 214 12.18 0.39 -31.04
N GLU B 215 11.92 0.54 -29.74
CA GLU B 215 12.64 1.54 -28.93
C GLU B 215 14.12 1.17 -28.86
N ALA B 216 14.41 -0.09 -28.59
CA ALA B 216 15.77 -0.54 -28.43
C ALA B 216 16.56 -0.44 -29.73
N ALA B 217 15.94 -0.74 -30.88
CA ALA B 217 16.61 -0.59 -32.16
C ALA B 217 16.95 0.86 -32.48
N PHE B 218 16.01 1.78 -32.27
CA PHE B 218 16.30 3.19 -32.47
C PHE B 218 17.37 3.68 -31.52
N ASN B 219 17.19 3.40 -30.24
CA ASN B 219 18.12 3.90 -29.23
C ASN B 219 19.53 3.29 -29.30
N LYS B 220 19.66 2.11 -29.90
CA LYS B 220 20.98 1.48 -30.17
C LYS B 220 21.60 1.84 -31.55
N GLY B 221 20.92 2.67 -32.34
CA GLY B 221 21.42 3.10 -33.66
C GLY B 221 21.31 2.06 -34.77
N GLU B 222 20.37 1.12 -34.63
CA GLU B 222 20.19 0.02 -35.60
C GLU B 222 19.17 0.34 -36.69
N THR B 223 18.23 1.23 -36.37
CA THR B 223 17.26 1.70 -37.35
C THR B 223 17.34 3.22 -37.40
N ALA B 224 17.07 3.78 -38.56
CA ALA B 224 17.19 5.24 -38.80
C ALA B 224 16.03 6.10 -38.27
N MET B 225 14.84 5.50 -38.16
CA MET B 225 13.64 6.23 -37.76
C MET B 225 12.74 5.39 -36.88
N THR B 226 11.97 6.05 -36.04
CA THR B 226 10.87 5.41 -35.34
C THR B 226 9.71 6.40 -35.32
N ILE B 227 8.55 5.91 -34.90
CA ILE B 227 7.37 6.72 -34.67
C ILE B 227 7.00 6.52 -33.20
N ASN B 228 6.99 7.62 -32.46
CA ASN B 228 6.70 7.62 -31.06
C ASN B 228 6.27 8.99 -30.56
N GLY B 229 5.86 9.01 -29.29
CA GLY B 229 5.39 10.21 -28.63
C GLY B 229 6.44 10.81 -27.71
N PRO B 230 6.16 11.99 -27.15
CA PRO B 230 7.04 12.72 -26.23
C PRO B 230 7.65 11.88 -25.09
N TRP B 231 6.84 11.01 -24.51
CA TRP B 231 7.26 10.09 -23.43
C TRP B 231 8.49 9.23 -23.70
N ALA B 232 8.74 8.95 -24.98
CA ALA B 232 9.92 8.18 -25.40
C ALA B 232 11.21 9.00 -25.41
N TRP B 233 11.12 10.33 -25.44
CA TRP B 233 12.32 11.17 -25.59
C TRP B 233 13.35 11.06 -24.46
N SER B 234 12.92 10.74 -23.23
CA SER B 234 13.85 10.54 -22.11
C SER B 234 14.83 9.42 -22.40
N ASN B 235 14.34 8.27 -22.83
CA ASN B 235 15.23 7.13 -23.14
C ASN B 235 16.17 7.37 -24.30
N ILE B 236 15.72 8.17 -25.28
CA ILE B 236 16.58 8.57 -26.38
C ILE B 236 17.67 9.53 -25.89
N ASP B 237 17.33 10.46 -25.00
CA ASP B 237 18.35 11.37 -24.40
C ASP B 237 19.46 10.58 -23.68
N THR B 238 19.05 9.65 -22.83
CA THR B 238 19.98 8.70 -22.16
C THR B 238 20.90 7.97 -23.16
N SER B 239 20.33 7.50 -24.27
CA SER B 239 21.10 6.78 -25.28
C SER B 239 22.10 7.68 -26.03
N LYS B 240 21.87 8.99 -26.00
CA LYS B 240 22.71 10.00 -26.67
C LYS B 240 22.73 9.88 -28.22
N VAL B 241 21.68 9.31 -28.81
CA VAL B 241 21.47 9.34 -30.28
C VAL B 241 21.27 10.79 -30.66
N ASN B 242 21.91 11.23 -31.75
CA ASN B 242 21.65 12.57 -32.28
C ASN B 242 20.33 12.50 -33.06
N TYR B 243 19.24 12.83 -32.38
CA TYR B 243 17.86 12.69 -32.94
C TYR B 243 17.09 13.99 -33.21
N GLY B 244 16.28 13.97 -34.27
CA GLY B 244 15.34 15.06 -34.54
C GLY B 244 13.93 14.51 -34.39
N VAL B 245 12.99 15.41 -34.08
CA VAL B 245 11.56 15.15 -34.00
C VAL B 245 10.94 16.01 -35.10
N THR B 246 10.22 15.39 -36.03
CA THR B 246 9.73 16.13 -37.22
C THR B 246 8.33 15.66 -37.65
N VAL B 247 7.86 16.23 -38.76
CA VAL B 247 6.53 15.94 -39.28
C VAL B 247 6.58 14.50 -39.76
N LEU B 248 5.48 13.78 -39.57
CA LEU B 248 5.34 12.44 -40.10
C LEU B 248 5.36 12.45 -41.65
N PRO B 249 5.82 11.35 -42.26
CA PRO B 249 5.80 11.32 -43.73
C PRO B 249 4.38 11.34 -44.33
N THR B 250 4.26 11.84 -45.55
CA THR B 250 2.98 11.89 -46.24
C THR B 250 2.73 10.54 -46.88
N PHE B 251 1.46 10.19 -47.04
CA PHE B 251 1.07 9.05 -47.86
C PHE B 251 0.15 9.51 -48.98
N LYS B 252 0.47 9.17 -50.22
CA LYS B 252 -0.25 9.68 -51.42
C LYS B 252 -0.37 11.22 -51.38
N GLY B 253 0.75 11.87 -51.05
CA GLY B 253 0.80 13.31 -50.89
C GLY B 253 0.02 13.91 -49.73
N GLN B 254 -0.64 13.11 -48.90
CA GLN B 254 -1.51 13.61 -47.83
C GLN B 254 -0.79 13.47 -46.50
N PRO B 255 -0.97 14.43 -45.56
CA PRO B 255 -0.33 14.24 -44.26
C PRO B 255 -0.80 12.96 -43.53
N SER B 256 0.10 12.32 -42.80
CA SER B 256 -0.29 11.28 -41.81
C SER B 256 -1.11 11.98 -40.71
N LYS B 257 -2.20 11.35 -40.29
CA LYS B 257 -3.17 11.97 -39.38
C LYS B 257 -3.20 11.25 -38.03
N PRO B 258 -2.29 11.61 -37.11
CA PRO B 258 -2.28 10.93 -35.81
C PRO B 258 -3.55 11.21 -35.01
N PHE B 259 -3.98 10.23 -34.22
CA PHE B 259 -5.10 10.42 -33.32
C PHE B 259 -4.54 11.05 -32.06
N VAL B 260 -5.00 12.25 -31.71
CA VAL B 260 -4.46 13.03 -30.62
C VAL B 260 -5.15 12.73 -29.30
N GLY B 261 -4.34 12.42 -28.30
CA GLY B 261 -4.84 12.06 -26.96
C GLY B 261 -4.53 13.15 -25.95
N VAL B 262 -5.44 13.34 -25.03
CA VAL B 262 -5.29 14.27 -23.95
C VAL B 262 -5.12 13.34 -22.75
N LEU B 263 -3.88 13.22 -22.26
CA LEU B 263 -3.65 12.49 -21.01
C LEU B 263 -4.50 13.16 -19.92
N SER B 264 -5.33 12.38 -19.25
CA SER B 264 -6.36 12.92 -18.36
C SER B 264 -6.34 12.16 -17.05
N ALA B 265 -6.77 12.82 -15.97
CA ALA B 265 -6.79 12.25 -14.61
C ALA B 265 -8.20 12.25 -14.08
N GLY B 266 -8.81 11.06 -14.01
CA GLY B 266 -10.14 10.89 -13.46
C GLY B 266 -10.14 10.36 -12.02
N ILE B 267 -11.23 10.67 -11.32
CA ILE B 267 -11.46 10.25 -9.93
C ILE B 267 -12.48 9.12 -9.90
N ASN B 268 -12.06 7.96 -9.37
CA ASN B 268 -12.88 6.76 -9.31
C ASN B 268 -14.15 7.06 -8.50
N ALA B 269 -15.31 6.68 -9.04
CA ALA B 269 -16.58 6.95 -8.39
C ALA B 269 -16.68 6.20 -7.06
N ALA B 270 -15.92 5.10 -6.96
CA ALA B 270 -15.76 4.31 -5.73
C ALA B 270 -14.79 4.85 -4.71
N SER B 271 -14.06 5.93 -5.04
CA SER B 271 -13.11 6.52 -4.11
C SER B 271 -13.82 7.22 -2.95
N PRO B 272 -13.41 6.91 -1.71
CA PRO B 272 -13.82 7.67 -0.54
C PRO B 272 -12.96 8.92 -0.31
N ASN B 273 -12.08 9.26 -1.26
CA ASN B 273 -11.08 10.32 -1.07
C ASN B 273 -11.21 11.38 -2.15
N LYS B 274 -12.42 11.66 -2.58
CA LYS B 274 -12.64 12.50 -3.76
C LYS B 274 -12.15 13.94 -3.53
N GLU B 275 -12.25 14.41 -2.29
CA GLU B 275 -11.80 15.77 -1.94
C GLU B 275 -10.28 15.82 -1.91
N LEU B 276 -9.68 14.78 -1.33
CA LEU B 276 -8.23 14.64 -1.35
C LEU B 276 -7.69 14.55 -2.78
N ALA B 277 -8.33 13.77 -3.65
CA ALA B 277 -7.88 13.66 -5.06
C ALA B 277 -7.94 15.01 -5.80
N LYS B 278 -9.03 15.74 -5.61
CA LYS B 278 -9.19 17.10 -6.17
C LYS B 278 -8.05 18.02 -5.71
N GLU B 279 -7.76 18.01 -4.41
CA GLU B 279 -6.69 18.83 -3.84
C GLU B 279 -5.32 18.47 -4.40
N PHE B 280 -5.05 17.17 -4.52
CA PHE B 280 -3.82 16.69 -5.12
C PHE B 280 -3.69 17.16 -6.57
N LEU B 281 -4.74 17.00 -7.35
CA LEU B 281 -4.66 17.31 -8.79
C LEU B 281 -4.65 18.79 -9.06
N GLU B 282 -5.47 19.56 -8.33
CA GLU B 282 -5.56 20.98 -8.57
C GLU B 282 -4.42 21.82 -7.95
N ASN B 283 -3.98 21.45 -6.74
CA ASN B 283 -3.05 22.27 -5.98
C ASN B 283 -1.62 21.73 -6.00
N TYR B 284 -1.42 20.50 -6.45
CA TYR B 284 -0.10 19.88 -6.46
C TYR B 284 0.36 19.51 -7.87
N LEU B 285 -0.38 18.66 -8.57
CA LEU B 285 0.04 18.21 -9.91
C LEU B 285 -0.05 19.29 -10.98
N LEU B 286 -1.22 19.92 -11.08
CA LEU B 286 -1.48 20.92 -12.16
C LEU B 286 -0.96 22.31 -11.79
N THR B 287 0.35 22.37 -11.61
CA THR B 287 1.10 23.57 -11.29
C THR B 287 2.38 23.45 -12.07
N ASP B 288 3.11 24.55 -12.20
CA ASP B 288 4.39 24.52 -12.89
C ASP B 288 5.34 23.47 -12.30
N GLU B 289 5.47 23.47 -10.98
CA GLU B 289 6.38 22.57 -10.29
C GLU B 289 5.94 21.11 -10.41
N GLY B 290 4.63 20.85 -10.32
CA GLY B 290 4.12 19.48 -10.38
C GLY B 290 4.33 18.83 -11.72
N LEU B 291 3.96 19.55 -12.77
CA LEU B 291 4.14 19.07 -14.13
C LEU B 291 5.62 18.97 -14.50
N GLU B 292 6.44 19.91 -14.02
CA GLU B 292 7.88 19.81 -14.26
C GLU B 292 8.49 18.53 -13.68
N ALA B 293 8.15 18.20 -12.43
CA ALA B 293 8.60 16.94 -11.80
C ALA B 293 8.25 15.68 -12.63
N VAL B 294 7.04 15.66 -13.19
CA VAL B 294 6.63 14.54 -14.07
C VAL B 294 7.35 14.60 -15.44
N ASN B 295 7.36 15.79 -16.04
CA ASN B 295 7.95 16.06 -17.35
C ASN B 295 9.43 15.67 -17.39
N LYS B 296 10.14 16.03 -16.31
CA LYS B 296 11.56 15.70 -16.14
C LYS B 296 11.86 14.19 -16.13
N ASP B 297 10.87 13.37 -15.80
CA ASP B 297 11.02 11.91 -15.76
C ASP B 297 10.75 11.36 -17.17
N LYS B 298 9.51 11.53 -17.64
CA LYS B 298 9.14 11.33 -19.03
C LYS B 298 8.41 12.57 -19.52
N PRO B 299 8.80 13.12 -20.68
CA PRO B 299 8.06 14.31 -21.15
C PRO B 299 6.59 14.03 -21.44
N LEU B 300 5.75 14.97 -21.05
CA LEU B 300 4.31 14.92 -21.18
C LEU B 300 3.79 15.23 -22.58
N GLY B 301 4.57 15.98 -23.34
CA GLY B 301 4.11 16.65 -24.54
C GLY B 301 3.67 18.05 -24.21
N ALA B 302 2.69 18.52 -24.95
CA ALA B 302 2.12 19.86 -24.78
C ALA B 302 1.13 19.88 -23.61
N VAL B 303 1.54 20.45 -22.50
CA VAL B 303 0.69 20.41 -21.30
C VAL B 303 -0.58 21.29 -21.42
N ALA B 304 -1.63 20.87 -20.69
CA ALA B 304 -2.89 21.58 -20.65
C ALA B 304 -2.80 22.90 -19.87
N LEU B 305 -1.83 22.99 -18.98
CA LEU B 305 -1.68 24.13 -18.09
C LEU B 305 -0.97 25.25 -18.82
N LYS B 306 -1.65 26.39 -18.96
CA LYS B 306 -1.17 27.44 -19.87
C LYS B 306 0.20 27.96 -19.45
N SER B 307 0.40 28.17 -18.15
CA SER B 307 1.61 28.80 -17.63
C SER B 307 2.86 27.96 -17.90
N TYR B 308 2.73 26.63 -17.86
CA TYR B 308 3.86 25.77 -18.14
C TYR B 308 4.03 25.52 -19.63
N GLU B 309 2.92 25.34 -20.35
CA GLU B 309 2.99 25.17 -21.81
C GLU B 309 3.76 26.32 -22.50
N GLU B 310 3.62 27.54 -22.00
CA GLU B 310 4.36 28.70 -22.53
C GLU B 310 5.87 28.43 -22.59
N GLU B 311 6.41 27.80 -21.53
CA GLU B 311 7.82 27.39 -21.49
C GLU B 311 8.14 26.18 -22.37
N LEU B 312 7.26 25.18 -22.37
CA LEU B 312 7.46 23.97 -23.17
C LEU B 312 7.32 24.21 -24.69
N ALA B 313 6.47 25.15 -25.08
CA ALA B 313 6.29 25.51 -26.49
C ALA B 313 7.56 26.06 -27.16
N LYS B 314 8.51 26.53 -26.36
CA LYS B 314 9.83 27.00 -26.85
C LYS B 314 10.72 25.85 -27.37
N ASP B 315 10.35 24.60 -27.09
CA ASP B 315 11.12 23.41 -27.53
C ASP B 315 10.71 22.99 -28.96
N PRO B 316 11.67 22.96 -29.92
CA PRO B 316 11.36 22.47 -31.28
C PRO B 316 10.65 21.10 -31.33
N ARG B 317 10.94 20.22 -30.37
CA ARG B 317 10.29 18.91 -30.27
C ARG B 317 8.79 19.02 -29.95
N ILE B 318 8.43 20.00 -29.15
CA ILE B 318 7.05 20.28 -28.83
C ILE B 318 6.37 20.95 -30.01
N ALA B 319 7.08 21.86 -30.69
CA ALA B 319 6.51 22.50 -31.85
C ALA B 319 6.24 21.44 -32.93
N ALA B 320 7.15 20.48 -33.09
CA ALA B 320 6.88 19.37 -34.00
C ALA B 320 5.67 18.53 -33.56
N THR B 321 5.51 18.31 -32.26
CA THR B 321 4.43 17.49 -31.76
C THR B 321 3.07 18.12 -32.08
N MET B 322 3.00 19.44 -31.94
CA MET B 322 1.81 20.20 -32.23
C MET B 322 1.56 20.37 -33.72
N GLU B 323 2.61 20.43 -34.55
CA GLU B 323 2.42 20.38 -36.03
C GLU B 323 1.78 19.07 -36.48
N ASN B 324 2.25 17.96 -35.93
CA ASN B 324 1.64 16.67 -36.17
C ASN B 324 0.21 16.61 -35.63
N ALA B 325 -0.02 17.11 -34.41
CA ALA B 325 -1.37 17.14 -33.82
C ALA B 325 -2.39 17.90 -34.69
N GLN B 326 -1.98 19.05 -35.22
CA GLN B 326 -2.87 19.87 -36.05
C GLN B 326 -3.21 19.23 -37.40
N LYS B 327 -2.36 18.33 -37.89
CA LYS B 327 -2.67 17.51 -39.05
C LYS B 327 -3.51 16.28 -38.69
N GLY B 328 -3.61 15.96 -37.40
CA GLY B 328 -4.41 14.81 -36.97
C GLY B 328 -5.80 15.23 -36.49
N GLU B 329 -6.40 14.40 -35.63
CA GLU B 329 -7.73 14.66 -35.05
C GLU B 329 -7.72 14.26 -33.57
N ILE B 330 -8.38 15.06 -32.74
CA ILE B 330 -8.57 14.70 -31.35
C ILE B 330 -9.47 13.46 -31.36
N MET B 331 -9.14 12.46 -30.56
CA MET B 331 -9.89 11.23 -30.51
C MET B 331 -11.31 11.49 -29.97
N PRO B 332 -12.30 10.80 -30.51
CA PRO B 332 -13.59 10.76 -29.81
C PRO B 332 -13.42 10.18 -28.39
N ASN B 333 -14.25 10.59 -27.44
CA ASN B 333 -14.32 9.95 -26.14
C ASN B 333 -15.54 9.03 -25.98
N ILE B 334 -16.29 8.80 -27.04
CA ILE B 334 -17.54 8.07 -26.97
C ILE B 334 -17.30 6.62 -26.50
N PRO B 335 -18.28 6.00 -25.82
CA PRO B 335 -18.16 4.60 -25.38
C PRO B 335 -17.73 3.59 -26.45
N GLN B 336 -18.11 3.85 -27.70
CA GLN B 336 -17.81 2.89 -28.78
CA GLN B 336 -17.83 2.97 -28.84
C GLN B 336 -16.32 2.86 -29.16
N MET B 337 -15.52 3.79 -28.63
CA MET B 337 -14.07 3.78 -28.83
C MET B 337 -13.37 2.48 -28.43
N SER B 338 -13.81 1.84 -27.35
CA SER B 338 -13.27 0.54 -26.97
C SER B 338 -13.43 -0.52 -28.07
N ALA B 339 -14.62 -0.60 -28.60
CA ALA B 339 -14.94 -1.55 -29.68
C ALA B 339 -14.16 -1.20 -30.94
N PHE B 340 -14.03 0.10 -31.23
CA PHE B 340 -13.23 0.59 -32.36
C PHE B 340 -11.78 0.14 -32.27
N TRP B 341 -11.16 0.36 -31.11
CA TRP B 341 -9.76 0.01 -30.93
C TRP B 341 -9.47 -1.49 -30.98
N TYR B 342 -10.32 -2.30 -30.35
CA TYR B 342 -10.24 -3.76 -30.44
C TYR B 342 -10.28 -4.21 -31.91
N ALA B 343 -11.26 -3.69 -32.64
CA ALA B 343 -11.47 -4.00 -34.05
C ALA B 343 -10.26 -3.68 -34.93
N VAL B 344 -9.70 -2.48 -34.77
CA VAL B 344 -8.55 -2.09 -35.59
C VAL B 344 -7.28 -2.84 -35.13
N ARG B 345 -7.15 -3.10 -33.82
CA ARG B 345 -6.00 -3.84 -33.30
C ARG B 345 -5.90 -5.20 -33.97
N THR B 346 -7.06 -5.87 -34.02
CA THR B 346 -7.22 -7.19 -34.59
C THR B 346 -6.95 -7.15 -36.08
N ALA B 347 -7.52 -6.16 -36.77
CA ALA B 347 -7.31 -6.01 -38.21
C ALA B 347 -5.84 -5.85 -38.58
N VAL B 348 -5.13 -4.96 -37.89
CA VAL B 348 -3.73 -4.69 -38.22
C VAL B 348 -2.89 -5.95 -37.96
N ILE B 349 -3.10 -6.59 -36.81
CA ILE B 349 -2.31 -7.78 -36.45
C ILE B 349 -2.52 -8.90 -37.48
N ASN B 350 -3.78 -9.18 -37.80
CA ASN B 350 -4.16 -10.22 -38.76
C ASN B 350 -3.73 -9.96 -40.21
N ALA B 351 -3.83 -8.71 -40.64
CA ALA B 351 -3.29 -8.28 -41.95
C ALA B 351 -1.76 -8.42 -42.00
N ALA B 352 -1.09 -7.84 -41.00
CA ALA B 352 0.38 -7.87 -40.93
C ALA B 352 0.98 -9.28 -40.80
N SER B 353 0.24 -10.21 -40.17
CA SER B 353 0.68 -11.58 -39.97
C SER B 353 0.21 -12.56 -41.06
N GLY B 354 -0.52 -12.06 -42.05
CA GLY B 354 -1.03 -12.89 -43.15
C GLY B 354 -2.21 -13.76 -42.78
N ARG B 355 -2.76 -13.58 -41.58
CA ARG B 355 -3.87 -14.38 -41.10
C ARG B 355 -5.19 -14.03 -41.81
N GLN B 356 -5.25 -12.81 -42.34
CA GLN B 356 -6.33 -12.34 -43.19
C GLN B 356 -5.72 -11.41 -44.21
N THR B 357 -6.38 -11.24 -45.37
CA THR B 357 -6.02 -10.18 -46.30
C THR B 357 -6.43 -8.82 -45.74
N VAL B 358 -5.88 -7.74 -46.28
CA VAL B 358 -6.26 -6.40 -45.82
C VAL B 358 -7.79 -6.17 -45.94
N ASP B 359 -8.35 -6.49 -47.10
CA ASP B 359 -9.79 -6.34 -47.34
C ASP B 359 -10.63 -7.11 -46.31
N GLU B 360 -10.31 -8.39 -46.10
CA GLU B 360 -11.02 -9.26 -45.15
C GLU B 360 -10.94 -8.73 -43.72
N ALA B 361 -9.73 -8.33 -43.33
CA ALA B 361 -9.46 -7.77 -42.00
C ALA B 361 -10.25 -6.48 -41.72
N LEU B 362 -10.19 -5.52 -42.65
CA LEU B 362 -10.89 -4.23 -42.53
C LEU B 362 -12.41 -4.38 -42.69
N LYS B 363 -12.84 -5.38 -43.45
CA LYS B 363 -14.28 -5.76 -43.47
C LYS B 363 -14.79 -6.11 -42.07
N ASP B 364 -14.13 -7.06 -41.41
CA ASP B 364 -14.52 -7.45 -40.05
C ASP B 364 -14.36 -6.33 -39.02
N ALA B 365 -13.33 -5.51 -39.18
CA ALA B 365 -13.12 -4.33 -38.33
C ALA B 365 -14.29 -3.37 -38.37
N GLN B 366 -14.77 -3.08 -39.58
CA GLN B 366 -15.95 -2.23 -39.79
C GLN B 366 -17.20 -2.82 -39.09
N THR B 367 -17.41 -4.13 -39.27
CA THR B 367 -18.50 -4.83 -38.60
C THR B 367 -18.38 -4.73 -37.07
N ASN B 368 -17.20 -5.05 -36.56
CA ASN B 368 -16.95 -4.97 -35.10
C ASN B 368 -17.01 -3.56 -34.54
N ALA B 369 -16.53 -2.58 -35.30
CA ALA B 369 -16.53 -1.19 -34.85
C ALA B 369 -17.94 -0.59 -34.81
N ALA B 370 -18.76 -0.92 -35.80
CA ALA B 370 -20.14 -0.43 -35.89
C ALA B 370 -21.17 -1.21 -35.06
N GLU B 371 -20.96 -2.52 -34.88
CA GLU B 371 -22.00 -3.43 -34.34
C GLU B 371 -21.73 -4.00 -32.94
N LEU B 372 -20.46 -4.19 -32.57
CA LEU B 372 -20.11 -4.78 -31.26
C LEU B 372 -20.54 -3.86 -30.12
N ASN B 373 -21.04 -4.48 -29.06
CA ASN B 373 -21.77 -3.78 -27.99
C ASN B 373 -21.24 -4.20 -26.62
N GLY B 374 -20.11 -3.61 -26.23
CA GLY B 374 -19.42 -3.88 -24.96
C GLY B 374 -20.28 -4.02 -23.71
N PRO B 375 -21.24 -3.08 -23.50
CA PRO B 375 -22.26 -3.20 -22.44
C PRO B 375 -23.19 -4.42 -22.58
N LEU B 376 -23.65 -4.71 -23.79
CA LEU B 376 -24.53 -5.87 -24.05
C LEU B 376 -23.80 -7.21 -23.97
N ARG B 377 -22.54 -7.26 -24.40
CA ARG B 377 -21.75 -8.49 -24.38
C ARG B 377 -21.17 -8.78 -22.98
N GLU B 378 -20.76 -7.75 -22.24
CA GLU B 378 -20.35 -7.95 -20.84
C GLU B 378 -21.53 -8.47 -20.01
N GLU B 379 -22.73 -7.95 -20.27
CA GLU B 379 -23.98 -8.40 -19.63
C GLU B 379 -24.28 -9.88 -19.90
N ILE B 380 -24.32 -10.25 -21.19
CA ILE B 380 -24.52 -11.65 -21.63
C ILE B 380 -23.49 -12.58 -20.99
N VAL B 381 -22.22 -12.19 -21.09
CA VAL B 381 -21.10 -12.96 -20.50
C VAL B 381 -21.23 -13.11 -18.99
N ASN B 382 -21.61 -12.03 -18.30
CA ASN B 382 -21.69 -12.03 -16.83
C ASN B 382 -22.85 -12.86 -16.29
N PHE B 383 -24.03 -12.77 -16.93
CA PHE B 383 -25.19 -13.59 -16.54
C PHE B 383 -24.98 -15.07 -16.89
N ASN B 384 -24.34 -15.33 -18.03
CA ASN B 384 -24.02 -16.69 -18.46
C ASN B 384 -23.06 -17.37 -17.48
N CYS B 385 -22.04 -16.64 -17.00
CA CYS B 385 -21.17 -17.14 -15.93
C CYS B 385 -21.92 -17.31 -14.60
N ARG B 386 -22.84 -16.40 -14.29
CA ARG B 386 -23.70 -16.52 -13.11
C ARG B 386 -24.43 -17.88 -13.05
N LYS B 387 -24.94 -18.33 -14.20
CA LYS B 387 -25.56 -19.66 -14.31
C LYS B 387 -24.56 -20.80 -14.03
N LEU B 388 -23.32 -20.65 -14.52
CA LEU B 388 -22.29 -21.69 -14.39
C LEU B 388 -21.88 -21.90 -12.92
N VAL B 389 -21.63 -20.79 -12.23
CA VAL B 389 -21.24 -20.81 -10.81
C VAL B 389 -22.34 -21.40 -9.90
N ALA B 390 -23.59 -21.06 -10.18
CA ALA B 390 -24.72 -21.47 -9.33
C ALA B 390 -25.06 -22.95 -9.40
N SER B 391 -24.94 -23.54 -10.61
CA SER B 391 -25.04 -25.01 -10.79
C SER B 391 -24.37 -25.81 -9.67
N MET B 392 -23.19 -25.34 -9.25
CA MET B 392 -22.45 -25.95 -8.16
C MET B 392 -23.13 -25.64 -6.81
N PRO B 393 -23.40 -26.68 -5.98
CA PRO B 393 -24.03 -26.54 -4.64
C PRO B 393 -23.38 -25.54 -3.68
N LEU B 394 -22.06 -25.44 -3.72
CA LEU B 394 -21.27 -24.50 -2.90
C LEU B 394 -21.85 -23.06 -2.92
N PHE B 395 -22.17 -22.59 -4.12
CA PHE B 395 -22.68 -21.24 -4.35
C PHE B 395 -24.21 -21.12 -4.38
N ALA B 396 -24.94 -22.25 -4.31
CA ALA B 396 -26.40 -22.30 -4.51
C ALA B 396 -27.17 -21.29 -3.65
N ASN B 397 -27.04 -21.42 -2.34
CA ASN B 397 -27.55 -20.41 -1.40
C ASN B 397 -26.35 -19.58 -0.95
N ALA B 398 -26.19 -18.42 -1.56
CA ALA B 398 -25.10 -17.51 -1.24
C ALA B 398 -25.45 -16.08 -1.64
N ASP B 399 -24.88 -15.12 -0.90
CA ASP B 399 -25.07 -13.69 -1.17
C ASP B 399 -24.71 -13.41 -2.63
N PRO B 400 -25.62 -12.74 -3.39
CA PRO B 400 -25.34 -12.50 -4.80
C PRO B 400 -24.16 -11.54 -5.07
N ASN B 401 -23.85 -10.68 -4.11
CA ASN B 401 -22.67 -9.80 -4.20
C ASN B 401 -21.36 -10.61 -4.04
N PHE B 402 -21.41 -11.68 -3.24
CA PHE B 402 -20.30 -12.64 -3.10
C PHE B 402 -20.01 -13.37 -4.43
N VAL B 403 -21.06 -13.64 -5.20
CA VAL B 403 -20.92 -14.29 -6.52
C VAL B 403 -20.42 -13.30 -7.58
N THR B 404 -20.88 -12.05 -7.52
CA THR B 404 -20.41 -11.00 -8.44
C THR B 404 -18.90 -10.81 -8.39
N ALA B 405 -18.37 -10.77 -7.17
CA ALA B 405 -16.93 -10.72 -6.93
C ALA B 405 -16.24 -11.97 -7.44
N MET B 406 -16.85 -13.13 -7.20
CA MET B 406 -16.27 -14.40 -7.66
C MET B 406 -16.22 -14.46 -9.19
N LEU B 407 -17.24 -13.92 -9.85
CA LEU B 407 -17.26 -13.84 -11.32
C LEU B 407 -16.10 -13.02 -11.93
N THR B 408 -15.61 -12.01 -11.21
CA THR B 408 -14.49 -11.20 -11.69
C THR B 408 -13.19 -11.99 -11.74
N LYS B 409 -13.10 -13.05 -10.94
CA LYS B 409 -11.91 -13.87 -10.87
C LYS B 409 -11.82 -14.95 -11.96
N LEU B 410 -12.91 -15.16 -12.71
CA LEU B 410 -12.93 -16.23 -13.69
C LEU B 410 -12.01 -15.94 -14.88
N LYS B 411 -11.31 -16.97 -15.33
CA LYS B 411 -10.33 -16.85 -16.41
C LYS B 411 -10.76 -17.72 -17.57
N PHE B 412 -10.88 -17.11 -18.73
CA PHE B 412 -11.30 -17.77 -19.96
C PHE B 412 -10.19 -18.69 -20.47
N GLU B 413 -10.55 -19.92 -20.83
CA GLU B 413 -9.60 -20.87 -21.36
C GLU B 413 -10.30 -21.68 -22.44
N VAL B 414 -9.56 -22.00 -23.50
CA VAL B 414 -10.09 -22.81 -24.58
C VAL B 414 -9.25 -24.06 -24.73
N PHE B 415 -9.89 -25.15 -25.08
CA PHE B 415 -9.18 -26.39 -25.33
C PHE B 415 -9.71 -27.00 -26.62
N GLN B 416 -8.83 -27.70 -27.33
CA GLN B 416 -9.16 -28.37 -28.57
C GLN B 416 -9.47 -29.82 -28.24
N PRO B 417 -10.22 -30.53 -29.12
CA PRO B 417 -10.49 -31.95 -28.88
C PRO B 417 -9.20 -32.74 -28.74
N GLY B 418 -9.17 -33.66 -27.77
CA GLY B 418 -7.96 -34.38 -27.39
C GLY B 418 -7.21 -33.83 -26.20
N ASP B 419 -7.35 -32.54 -25.93
CA ASP B 419 -6.61 -31.89 -24.86
C ASP B 419 -7.06 -32.33 -23.46
N TYR B 420 -6.09 -32.66 -22.63
CA TYR B 420 -6.31 -32.89 -21.21
C TYR B 420 -6.37 -31.57 -20.48
N ILE B 421 -7.55 -31.24 -19.96
CA ILE B 421 -7.73 -30.06 -19.14
C ILE B 421 -7.06 -30.33 -17.79
N ILE B 422 -7.41 -31.46 -17.19
CA ILE B 422 -6.74 -31.95 -16.00
C ILE B 422 -6.20 -33.35 -16.28
N ARG B 423 -4.99 -33.62 -15.80
CA ARG B 423 -4.37 -34.95 -15.92
C ARG B 423 -4.19 -35.54 -14.51
N GLU B 424 -4.60 -36.79 -14.34
CA GLU B 424 -4.57 -37.48 -13.04
C GLU B 424 -3.13 -37.69 -12.60
N GLY B 425 -2.86 -37.42 -11.32
CA GLY B 425 -1.51 -37.53 -10.76
C GLY B 425 -0.67 -36.25 -10.84
N THR B 426 -1.19 -35.22 -11.53
CA THR B 426 -0.60 -33.87 -11.53
C THR B 426 -1.15 -33.04 -10.37
N ILE B 427 -0.55 -31.87 -10.17
CA ILE B 427 -0.96 -30.95 -9.11
C ILE B 427 -1.49 -29.68 -9.76
N GLY B 428 -2.72 -29.32 -9.41
CA GLY B 428 -3.38 -28.11 -9.91
C GLY B 428 -4.05 -27.32 -8.78
N LYS B 429 -4.40 -26.08 -9.09
CA LYS B 429 -4.98 -25.16 -8.10
C LYS B 429 -6.12 -24.37 -8.72
N LYS B 430 -6.99 -25.05 -9.45
CA LYS B 430 -8.13 -24.40 -10.06
C LYS B 430 -9.19 -25.39 -10.49
N MET B 431 -10.44 -24.99 -10.31
CA MET B 431 -11.57 -25.72 -10.86
C MET B 431 -12.00 -25.08 -12.17
N TYR B 432 -12.92 -25.76 -12.85
CA TYR B 432 -13.35 -25.38 -14.19
C TYR B 432 -14.87 -25.41 -14.31
N PHE B 433 -15.41 -24.41 -15.00
CA PHE B 433 -16.82 -24.38 -15.38
C PHE B 433 -16.91 -24.42 -16.90
N ILE B 434 -17.86 -25.18 -17.44
CA ILE B 434 -17.96 -25.41 -18.90
C ILE B 434 -19.02 -24.47 -19.48
N GLN B 435 -18.56 -23.48 -20.23
CA GLN B 435 -19.45 -22.55 -20.94
C GLN B 435 -20.01 -23.23 -22.18
N HIS B 436 -19.16 -23.99 -22.87
CA HIS B 436 -19.54 -24.65 -24.10
C HIS B 436 -18.55 -25.76 -24.40
N GLY B 437 -19.07 -26.94 -24.71
CA GLY B 437 -18.25 -28.08 -25.08
C GLY B 437 -18.62 -29.30 -24.30
N VAL B 438 -18.02 -30.42 -24.70
CA VAL B 438 -18.22 -31.73 -24.07
C VAL B 438 -16.87 -32.25 -23.61
N VAL B 439 -16.77 -32.62 -22.34
CA VAL B 439 -15.54 -33.22 -21.78
C VAL B 439 -15.81 -34.64 -21.24
N SER B 440 -14.75 -35.43 -21.12
CA SER B 440 -14.83 -36.79 -20.55
C SER B 440 -14.02 -36.84 -19.27
N VAL B 441 -14.65 -37.31 -18.20
CA VAL B 441 -13.97 -37.51 -16.93
C VAL B 441 -13.54 -38.97 -16.91
N LEU B 442 -12.23 -39.20 -16.92
CA LEU B 442 -11.68 -40.54 -16.98
C LEU B 442 -11.13 -40.89 -15.62
N THR B 443 -11.70 -41.92 -14.99
CA THR B 443 -11.15 -42.49 -13.76
C THR B 443 -10.58 -43.86 -14.15
N LYS B 444 -9.24 -43.94 -14.17
CA LYS B 444 -8.49 -45.10 -14.69
C LYS B 444 -9.00 -46.44 -14.14
N GLY B 445 -9.24 -47.45 -14.98
CA GLY B 445 -9.41 -47.34 -16.45
C GLY B 445 -10.87 -47.61 -16.78
N ASN B 446 -11.74 -47.27 -15.83
CA ASN B 446 -13.11 -47.76 -15.79
C ASN B 446 -14.05 -46.79 -16.51
N LYS B 447 -14.92 -46.10 -15.75
CA LYS B 447 -16.03 -45.37 -16.36
C LYS B 447 -15.56 -44.06 -16.97
N GLU B 448 -16.23 -43.67 -18.05
CA GLU B 448 -16.22 -42.28 -18.51
C GLU B 448 -17.52 -41.67 -18.04
N MET B 449 -17.45 -40.42 -17.61
CA MET B 449 -18.62 -39.60 -17.38
C MET B 449 -18.45 -38.36 -18.22
N LYS B 450 -19.43 -38.06 -19.07
CA LYS B 450 -19.34 -36.89 -19.96
C LYS B 450 -20.06 -35.71 -19.33
N LEU B 451 -19.37 -34.58 -19.25
CA LEU B 451 -19.94 -33.33 -18.79
C LEU B 451 -20.02 -32.37 -19.97
N SER B 452 -21.08 -31.56 -20.01
CA SER B 452 -21.23 -30.53 -21.06
C SER B 452 -21.63 -29.19 -20.44
N ASP B 453 -22.20 -28.30 -21.26
CA ASP B 453 -22.44 -26.90 -20.90
C ASP B 453 -23.18 -26.78 -19.56
N GLY B 454 -22.66 -25.95 -18.66
CA GLY B 454 -23.26 -25.75 -17.33
C GLY B 454 -22.63 -26.56 -16.21
N SER B 455 -21.91 -27.62 -16.55
CA SER B 455 -21.29 -28.50 -15.56
C SER B 455 -19.97 -27.92 -15.06
N TYR B 456 -19.43 -28.55 -14.02
CA TYR B 456 -18.19 -28.12 -13.39
C TYR B 456 -17.40 -29.36 -13.02
N PHE B 457 -16.10 -29.17 -12.81
CA PHE B 457 -15.19 -30.24 -12.40
C PHE B 457 -13.87 -29.68 -11.81
N GLY B 458 -13.10 -30.56 -11.17
CA GLY B 458 -11.83 -30.19 -10.53
C GLY B 458 -11.96 -29.45 -9.21
N GLU B 459 -13.15 -29.49 -8.60
CA GLU B 459 -13.44 -28.70 -7.39
C GLU B 459 -12.76 -29.24 -6.13
N ILE B 460 -12.29 -30.49 -6.17
CA ILE B 460 -11.48 -31.06 -5.07
C ILE B 460 -10.34 -30.12 -4.65
N CYS B 461 -9.75 -29.38 -5.60
CA CYS B 461 -8.64 -28.45 -5.30
C CYS B 461 -8.97 -27.33 -4.29
N LEU B 462 -10.25 -27.02 -4.11
CA LEU B 462 -10.69 -26.05 -3.07
C LEU B 462 -10.67 -26.60 -1.64
N LEU B 463 -10.47 -27.91 -1.46
CA LEU B 463 -10.35 -28.53 -0.14
C LEU B 463 -9.32 -29.67 -0.12
N THR B 464 -8.15 -29.43 -0.69
CA THR B 464 -7.07 -30.42 -0.77
C THR B 464 -5.70 -29.75 -1.07
N ARG B 465 -4.65 -30.55 -1.25
CA ARG B 465 -3.30 -30.05 -1.58
C ARG B 465 -3.13 -29.68 -3.06
N GLY B 466 -3.93 -30.32 -3.92
CA GLY B 466 -3.96 -30.05 -5.37
C GLY B 466 -3.82 -31.29 -6.24
N ARG B 467 -3.52 -32.45 -5.63
CA ARG B 467 -3.31 -33.69 -6.37
C ARG B 467 -4.59 -34.08 -7.14
N ARG B 468 -4.46 -34.19 -8.46
CA ARG B 468 -5.62 -34.44 -9.32
C ARG B 468 -6.04 -35.90 -9.21
N THR B 469 -7.32 -36.11 -8.93
CA THR B 469 -7.87 -37.44 -8.68
C THR B 469 -8.35 -38.17 -9.94
N ALA B 470 -8.64 -37.43 -11.00
CA ALA B 470 -9.10 -38.02 -12.27
C ALA B 470 -8.65 -37.15 -13.43
N SER B 471 -8.75 -37.66 -14.65
CA SER B 471 -8.37 -36.88 -15.83
C SER B 471 -9.63 -36.31 -16.45
N VAL B 472 -9.54 -35.09 -16.99
CA VAL B 472 -10.65 -34.50 -17.72
C VAL B 472 -10.16 -34.11 -19.11
N ARG B 473 -10.71 -34.75 -20.13
CA ARG B 473 -10.26 -34.57 -21.54
C ARG B 473 -11.35 -33.93 -22.37
N ALA B 474 -10.99 -32.94 -23.18
CA ALA B 474 -11.94 -32.34 -24.11
C ALA B 474 -12.25 -33.31 -25.25
N ASP B 475 -13.54 -33.55 -25.49
CA ASP B 475 -14.02 -34.32 -26.66
C ASP B 475 -14.34 -33.43 -27.86
N THR B 476 -14.71 -32.17 -27.60
CA THR B 476 -14.93 -31.16 -28.65
C THR B 476 -14.08 -29.94 -28.32
N TYR B 477 -14.11 -28.94 -29.19
CA TYR B 477 -13.64 -27.60 -28.82
C TYR B 477 -14.36 -27.13 -27.56
N CYS B 478 -13.62 -26.67 -26.54
CA CYS B 478 -14.23 -26.27 -25.26
C CYS B 478 -13.94 -24.82 -24.91
N ARG B 479 -14.99 -24.08 -24.57
CA ARG B 479 -14.85 -22.78 -23.91
C ARG B 479 -15.13 -22.96 -22.42
N LEU B 480 -14.12 -22.69 -21.59
CA LEU B 480 -14.21 -22.88 -20.14
C LEU B 480 -13.81 -21.64 -19.37
N TYR B 481 -14.27 -21.57 -18.14
CA TYR B 481 -13.82 -20.58 -17.17
C TYR B 481 -13.15 -21.29 -16.00
N SER B 482 -11.96 -20.85 -15.62
CA SER B 482 -11.30 -21.40 -14.45
C SER B 482 -11.46 -20.48 -13.23
N LEU B 483 -11.42 -21.08 -12.04
CA LEU B 483 -11.39 -20.36 -10.78
C LEU B 483 -10.31 -20.97 -9.92
N SER B 484 -9.27 -20.19 -9.59
CA SER B 484 -8.17 -20.65 -8.78
C SER B 484 -8.49 -20.62 -7.28
N VAL B 485 -7.75 -21.45 -6.54
CA VAL B 485 -7.85 -21.56 -5.09
C VAL B 485 -7.59 -20.21 -4.42
N ASP B 486 -6.52 -19.53 -4.85
CA ASP B 486 -6.14 -18.22 -4.31
C ASP B 486 -7.27 -17.20 -4.49
N ASN B 487 -7.75 -17.06 -5.72
CA ASN B 487 -8.85 -16.15 -6.00
C ASN B 487 -10.13 -16.49 -5.25
N PHE B 488 -10.40 -17.79 -5.08
CA PHE B 488 -11.54 -18.22 -4.25
C PHE B 488 -11.34 -17.81 -2.78
N ASN B 489 -10.14 -18.03 -2.26
CA ASN B 489 -9.78 -17.62 -0.90
C ASN B 489 -9.77 -16.09 -0.70
N GLU B 490 -9.35 -15.34 -1.71
CA GLU B 490 -9.39 -13.87 -1.64
C GLU B 490 -10.83 -13.37 -1.49
N VAL B 491 -11.72 -13.88 -2.32
CA VAL B 491 -13.13 -13.52 -2.28
C VAL B 491 -13.85 -14.04 -1.03
N LEU B 492 -13.36 -15.15 -0.45
CA LEU B 492 -13.85 -15.64 0.84
C LEU B 492 -13.57 -14.64 1.97
N GLU B 493 -12.37 -14.05 1.95
CA GLU B 493 -11.97 -13.07 2.97
C GLU B 493 -12.77 -11.75 2.92
N GLU B 494 -13.36 -11.42 1.77
CA GLU B 494 -14.25 -10.25 1.65
C GLU B 494 -15.67 -10.50 2.17
N TYR B 495 -16.05 -11.78 2.33
CA TYR B 495 -17.39 -12.17 2.78
C TYR B 495 -17.28 -13.20 3.92
N PRO B 496 -16.96 -12.73 5.16
CA PRO B 496 -16.77 -13.58 6.35
C PRO B 496 -17.89 -14.57 6.69
N MET B 497 -19.14 -14.22 6.38
CA MET B 497 -20.27 -15.09 6.72
C MET B 497 -20.41 -16.27 5.76
N MET B 498 -20.00 -16.09 4.50
CA MET B 498 -19.88 -17.23 3.58
C MET B 498 -18.75 -18.15 4.03
N ARG B 499 -17.62 -17.58 4.43
CA ARG B 499 -16.54 -18.34 5.06
C ARG B 499 -17.04 -19.15 6.27
N ARG B 500 -17.84 -18.51 7.13
CA ARG B 500 -18.46 -19.18 8.30
C ARG B 500 -19.39 -20.34 7.90
N ALA B 501 -20.07 -20.20 6.75
CA ALA B 501 -20.91 -21.28 6.21
C ALA B 501 -20.09 -22.42 5.59
N PHE B 502 -18.93 -22.09 4.99
CA PHE B 502 -18.07 -23.08 4.34
C PHE B 502 -17.28 -23.94 5.32
N GLU B 503 -16.94 -23.37 6.48
CA GLU B 503 -16.31 -24.12 7.58
C GLU B 503 -17.26 -25.15 8.19
N THR B 504 -18.57 -24.89 8.11
CA THR B 504 -19.60 -25.88 8.48
C THR B 504 -19.59 -27.08 7.53
N VAL B 505 -19.41 -26.81 6.23
CA VAL B 505 -19.28 -27.85 5.20
C VAL B 505 -18.18 -28.88 5.51
N ALA B 506 -17.03 -28.40 6.00
CA ALA B 506 -15.92 -29.29 6.39
C ALA B 506 -16.19 -29.92 7.76
N ILE B 507 -16.51 -29.10 8.76
CA ILE B 507 -16.79 -29.58 10.11
C ILE B 507 -18.15 -30.28 10.18
#